data_1ZFO
#
_entry.id   1ZFO
#
_cell.length_a   1.000
_cell.length_b   1.000
_cell.length_c   1.000
_cell.angle_alpha   90.00
_cell.angle_beta   90.00
_cell.angle_gamma   90.00
#
_symmetry.space_group_name_H-M   'P 1'
#
loop_
_entity.id
_entity.type
_entity.pdbx_description
1 polymer LASP-1
2 non-polymer 'ZINC ION'
#
_entity_poly.entity_id   1
_entity_poly.type   'polypeptide(L)'
_entity_poly.pdbx_seq_one_letter_code
;(ACE)MNPNCARCGKIVYPTEKVNCLDKFWHKACF
;
_entity_poly.pdbx_strand_id   A
#
loop_
_chem_comp.id
_chem_comp.type
_chem_comp.name
_chem_comp.formula
ACE non-polymer 'ACETYL GROUP' 'C2 H4 O'
ZN non-polymer 'ZINC ION' 'Zn 2'
#
# COMPACT_ATOMS: atom_id res chain seq x y z
C ACE A 1 7.04 1.60 -12.36
O ACE A 1 6.50 0.50 -12.39
CH3 ACE A 1 8.54 1.71 -12.28
H1 ACE A 1 8.86 1.73 -11.25
H2 ACE A 1 8.99 0.85 -12.78
H3 ACE A 1 8.89 2.62 -12.77
N MET A 2 6.35 2.75 -12.39
CA MET A 2 4.91 2.90 -12.25
C MET A 2 4.37 2.01 -11.12
N ASN A 3 5.04 2.05 -9.96
CA ASN A 3 4.77 1.17 -8.83
C ASN A 3 3.63 1.74 -7.99
N PRO A 4 2.79 0.91 -7.35
CA PRO A 4 1.66 1.38 -6.56
C PRO A 4 2.14 2.10 -5.30
N ASN A 5 1.87 3.40 -5.21
CA ASN A 5 2.14 4.18 -4.01
C ASN A 5 0.95 4.02 -3.06
N CYS A 6 1.25 3.96 -1.76
CA CYS A 6 0.31 3.88 -0.65
C CYS A 6 -0.71 4.99 -0.78
N ALA A 7 -1.97 4.60 -0.67
CA ALA A 7 -3.12 5.49 -0.64
C ALA A 7 -3.19 6.35 0.64
N ARG A 8 -2.26 6.20 1.58
CA ARG A 8 -2.20 6.95 2.83
C ARG A 8 -0.88 7.68 2.98
N CYS A 9 0.27 7.00 2.96
CA CYS A 9 1.53 7.64 3.35
C CYS A 9 2.10 8.40 2.16
N GLY A 10 2.26 7.68 1.06
CA GLY A 10 2.73 8.14 -0.23
C GLY A 10 3.84 7.26 -0.81
N LYS A 11 4.34 6.23 -0.12
CA LYS A 11 5.50 5.48 -0.61
C LYS A 11 5.05 4.26 -1.41
N ILE A 12 5.91 3.75 -2.29
CA ILE A 12 5.73 2.47 -2.97
C ILE A 12 5.37 1.37 -1.95
N VAL A 13 4.44 0.50 -2.34
CA VAL A 13 4.01 -0.67 -1.61
C VAL A 13 4.68 -1.83 -2.32
N TYR A 14 5.80 -2.27 -1.74
CA TYR A 14 6.53 -3.42 -2.24
C TYR A 14 5.64 -4.65 -2.11
N PRO A 15 5.84 -5.71 -2.94
CA PRO A 15 4.97 -6.88 -2.94
C PRO A 15 4.96 -7.64 -1.61
N THR A 16 5.90 -7.35 -0.71
CA THR A 16 6.01 -7.84 0.63
C THR A 16 4.81 -7.40 1.51
N GLU A 17 4.16 -6.26 1.23
CA GLU A 17 3.33 -5.51 2.16
C GLU A 17 2.04 -5.04 1.46
N LYS A 18 1.52 -5.85 0.53
CA LYS A 18 0.28 -5.57 -0.20
C LYS A 18 -0.92 -5.64 0.75
N VAL A 19 -1.17 -4.58 1.52
CA VAL A 19 -2.30 -4.52 2.43
C VAL A 19 -3.60 -4.58 1.63
N ASN A 20 -4.57 -5.34 2.15
CA ASN A 20 -5.89 -5.51 1.56
C ASN A 20 -6.90 -4.60 2.25
N CYS A 21 -7.03 -3.37 1.76
CA CYS A 21 -8.25 -2.59 2.00
C CYS A 21 -9.17 -2.86 0.80
N LEU A 22 -10.18 -2.01 0.62
CA LEU A 22 -11.25 -2.05 -0.37
C LEU A 22 -10.77 -2.62 -1.70
N ASP A 23 -9.83 -1.95 -2.35
CA ASP A 23 -9.49 -2.13 -3.76
C ASP A 23 -8.05 -1.72 -4.10
N LYS A 24 -7.26 -1.22 -3.14
CA LYS A 24 -5.92 -0.70 -3.38
C LYS A 24 -5.00 -0.99 -2.22
N PHE A 25 -3.81 -0.42 -2.33
CA PHE A 25 -2.61 -0.81 -1.62
C PHE A 25 -2.18 0.28 -0.66
N TRP A 26 -1.78 -0.18 0.53
CA TRP A 26 -1.38 0.59 1.69
C TRP A 26 -0.13 -0.10 2.25
N HIS A 27 0.31 0.24 3.45
CA HIS A 27 1.28 -0.56 4.20
C HIS A 27 0.68 -0.91 5.56
N LYS A 28 1.34 -1.78 6.33
CA LYS A 28 0.84 -2.25 7.63
C LYS A 28 0.22 -1.14 8.48
N ALA A 29 1.02 -0.19 8.97
CA ALA A 29 0.53 0.90 9.79
C ALA A 29 -0.29 1.95 9.00
N CYS A 30 -0.33 1.89 7.66
CA CYS A 30 -1.04 2.85 6.83
C CYS A 30 -2.47 2.40 6.49
N PHE A 31 -2.85 1.14 6.77
CA PHE A 31 -4.19 0.57 6.53
C PHE A 31 -5.29 1.59 6.79
ZN ZN B . 2.06 3.53 3.48
C ACE A 1 7.75 -0.90 -11.20
O ACE A 1 7.34 -2.06 -11.05
CH3 ACE A 1 9.25 -0.64 -11.24
H1 ACE A 1 9.46 0.33 -10.81
H2 ACE A 1 9.77 -1.42 -10.70
H3 ACE A 1 9.58 -0.65 -12.28
N MET A 2 6.95 0.12 -11.50
CA MET A 2 5.49 0.05 -11.67
C MET A 2 4.80 -0.62 -10.48
N ASN A 3 5.29 -0.35 -9.27
CA ASN A 3 4.62 -0.71 -8.02
C ASN A 3 3.61 0.38 -7.65
N PRO A 4 2.58 0.09 -6.84
CA PRO A 4 1.64 1.10 -6.35
C PRO A 4 2.32 2.02 -5.33
N ASN A 5 1.67 3.14 -4.97
CA ASN A 5 2.11 4.01 -3.88
C ASN A 5 1.04 4.00 -2.79
N CYS A 6 1.47 4.35 -1.57
CA CYS A 6 0.63 4.43 -0.39
C CYS A 6 -0.37 5.56 -0.61
N ALA A 7 -1.65 5.22 -0.61
CA ALA A 7 -2.76 6.16 -0.54
C ALA A 7 -2.87 6.79 0.86
N ARG A 8 -1.90 6.62 1.76
CA ARG A 8 -1.90 7.25 3.07
C ARG A 8 -0.63 8.05 3.34
N CYS A 9 0.56 7.44 3.23
CA CYS A 9 1.79 8.16 3.52
C CYS A 9 2.25 8.96 2.30
N GLY A 10 2.34 8.29 1.15
CA GLY A 10 2.85 8.78 -0.11
C GLY A 10 4.10 8.04 -0.61
N LYS A 11 4.60 7.01 0.09
CA LYS A 11 5.77 6.25 -0.34
C LYS A 11 5.35 5.03 -1.15
N ILE A 12 6.23 4.50 -2.01
CA ILE A 12 5.96 3.30 -2.79
C ILE A 12 5.58 2.11 -1.89
N VAL A 13 4.64 1.27 -2.32
CA VAL A 13 4.15 0.08 -1.63
C VAL A 13 4.77 -1.14 -2.32
N TYR A 14 4.72 -2.30 -1.65
CA TYR A 14 5.33 -3.53 -2.12
C TYR A 14 4.36 -4.68 -1.93
N PRO A 15 4.35 -5.67 -2.83
CA PRO A 15 3.48 -6.83 -2.73
C PRO A 15 3.87 -7.78 -1.60
N THR A 16 5.06 -7.60 -1.02
CA THR A 16 5.50 -8.31 0.18
C THR A 16 4.82 -7.73 1.44
N GLU A 17 4.22 -6.53 1.39
CA GLU A 17 3.54 -5.94 2.53
C GLU A 17 2.04 -5.75 2.29
N LYS A 18 1.62 -5.57 1.02
CA LYS A 18 0.28 -5.21 0.56
C LYS A 18 -0.84 -5.51 1.56
N VAL A 19 -1.25 -4.48 2.31
CA VAL A 19 -2.45 -4.55 3.09
C VAL A 19 -3.62 -4.75 2.13
N ASN A 20 -4.54 -5.63 2.53
CA ASN A 20 -5.68 -6.02 1.72
C ASN A 20 -6.84 -5.13 2.13
N CYS A 21 -7.51 -4.50 1.17
CA CYS A 21 -8.61 -3.55 1.37
C CYS A 21 -9.65 -3.70 0.26
N LEU A 22 -10.40 -2.63 0.00
CA LEU A 22 -11.45 -2.49 -1.02
C LEU A 22 -10.91 -3.04 -2.33
N ASP A 23 -9.99 -2.29 -2.93
CA ASP A 23 -9.35 -2.48 -4.22
C ASP A 23 -7.94 -1.86 -4.20
N LYS A 24 -7.41 -1.57 -3.00
CA LYS A 24 -6.20 -0.76 -2.78
C LYS A 24 -5.15 -1.60 -2.07
N PHE A 25 -3.88 -1.22 -2.18
CA PHE A 25 -2.79 -1.81 -1.41
C PHE A 25 -2.11 -0.71 -0.62
N TRP A 26 -1.71 -1.02 0.61
CA TRP A 26 -1.16 -0.05 1.55
C TRP A 26 0.06 -0.69 2.22
N HIS A 27 0.83 0.11 2.96
CA HIS A 27 1.76 -0.43 3.94
C HIS A 27 0.98 -0.91 5.16
N LYS A 28 1.54 -1.85 5.92
CA LYS A 28 0.94 -2.30 7.17
C LYS A 28 0.69 -1.13 8.14
N ALA A 29 1.58 -0.14 8.17
CA ALA A 29 1.42 1.07 8.98
C ALA A 29 0.30 2.00 8.48
N CYS A 30 -0.16 1.87 7.24
CA CYS A 30 -0.87 2.90 6.49
C CYS A 30 -2.29 2.51 6.03
N PHE A 31 -2.87 1.39 6.48
CA PHE A 31 -4.20 0.90 6.10
C PHE A 31 -5.16 2.07 5.87
ZN ZN B . 2.70 4.07 3.69
C ACE A 1 8.40 -1.04 -11.30
O ACE A 1 8.99 0.02 -11.11
CH3 ACE A 1 9.19 -2.32 -11.54
H1 ACE A 1 9.94 -2.14 -12.32
H2 ACE A 1 9.69 -2.62 -10.62
H3 ACE A 1 8.52 -3.12 -11.87
N MET A 2 7.07 -1.13 -11.28
CA MET A 2 6.17 -0.01 -11.06
C MET A 2 5.04 -0.50 -10.16
N ASN A 3 5.23 -0.43 -8.84
CA ASN A 3 4.24 -0.88 -7.86
C ASN A 3 3.20 0.22 -7.62
N PRO A 4 2.06 -0.09 -6.97
CA PRO A 4 1.06 0.91 -6.57
C PRO A 4 1.59 1.78 -5.44
N ASN A 5 0.81 2.77 -5.01
CA ASN A 5 1.24 3.79 -4.06
C ASN A 5 0.30 3.78 -2.85
N CYS A 6 0.89 3.80 -1.66
CA CYS A 6 0.18 4.00 -0.41
C CYS A 6 -0.36 5.43 -0.43
N ALA A 7 -1.67 5.56 -0.61
CA ALA A 7 -2.36 6.84 -0.49
C ALA A 7 -2.41 7.35 0.96
N ARG A 8 -1.73 6.69 1.90
CA ARG A 8 -1.55 7.21 3.24
C ARG A 8 -0.23 7.94 3.31
N CYS A 9 0.90 7.23 3.25
CA CYS A 9 2.19 7.80 3.61
C CYS A 9 2.83 8.55 2.44
N GLY A 10 2.48 8.22 1.20
CA GLY A 10 3.09 8.78 0.01
C GLY A 10 4.30 7.99 -0.47
N LYS A 11 4.42 6.70 -0.13
CA LYS A 11 5.47 5.80 -0.64
C LYS A 11 4.89 4.68 -1.49
N ILE A 12 5.71 4.12 -2.38
CA ILE A 12 5.41 2.93 -3.17
C ILE A 12 5.07 1.75 -2.24
N VAL A 13 4.34 0.75 -2.74
CA VAL A 13 3.92 -0.43 -2.00
C VAL A 13 4.84 -1.59 -2.44
N TYR A 14 4.92 -2.64 -1.64
CA TYR A 14 5.91 -3.71 -1.78
C TYR A 14 5.25 -5.06 -1.51
N PRO A 15 5.79 -6.18 -2.03
CA PRO A 15 5.17 -7.49 -1.88
C PRO A 15 5.03 -7.93 -0.42
N THR A 16 6.03 -7.67 0.44
CA THR A 16 5.96 -8.04 1.86
C THR A 16 5.27 -6.96 2.71
N GLU A 17 4.82 -5.85 2.11
CA GLU A 17 4.14 -4.76 2.80
C GLU A 17 3.03 -4.24 1.88
N LYS A 18 2.23 -5.18 1.38
CA LYS A 18 0.96 -4.93 0.69
C LYS A 18 -0.19 -4.88 1.69
N VAL A 19 -1.37 -4.45 1.22
CA VAL A 19 -2.67 -4.63 1.83
C VAL A 19 -3.67 -4.64 0.66
N ASN A 20 -4.73 -5.44 0.77
CA ASN A 20 -5.97 -5.33 0.01
C ASN A 20 -7.12 -5.42 1.00
N CYS A 21 -7.75 -4.29 1.29
CA CYS A 21 -8.84 -4.16 2.26
C CYS A 21 -9.99 -3.34 1.67
N LEU A 22 -10.02 -3.29 0.34
CA LEU A 22 -10.64 -2.36 -0.58
C LEU A 22 -9.96 -2.68 -1.91
N ASP A 23 -10.35 -1.99 -2.96
CA ASP A 23 -9.74 -2.10 -4.30
C ASP A 23 -8.48 -1.23 -4.40
N LYS A 24 -7.91 -0.82 -3.25
CA LYS A 24 -6.77 0.08 -3.10
C LYS A 24 -5.63 -0.67 -2.42
N PHE A 25 -4.44 -0.09 -2.42
CA PHE A 25 -3.24 -0.70 -1.86
C PHE A 25 -2.71 0.19 -0.75
N TRP A 26 -2.25 -0.42 0.34
CA TRP A 26 -1.64 0.28 1.46
C TRP A 26 -0.41 -0.50 1.88
N HIS A 27 0.37 0.07 2.80
CA HIS A 27 1.30 -0.72 3.61
C HIS A 27 0.54 -1.24 4.83
N LYS A 28 1.06 -2.27 5.50
CA LYS A 28 0.51 -2.78 6.76
C LYS A 28 0.25 -1.61 7.71
N ALA A 29 1.31 -0.87 8.06
CA ALA A 29 1.24 0.21 9.03
C ALA A 29 0.41 1.41 8.55
N CYS A 30 0.00 1.45 7.29
CA CYS A 30 -0.66 2.60 6.67
C CYS A 30 -2.14 2.34 6.35
N PHE A 31 -2.65 1.10 6.42
CA PHE A 31 -4.08 0.92 6.47
C PHE A 31 -4.58 1.40 7.84
ZN ZN B . 2.38 3.58 3.45
C ACE A 1 5.32 -1.84 -12.77
O ACE A 1 4.28 -2.50 -12.63
CH3 ACE A 1 6.52 -2.47 -13.45
H1 ACE A 1 7.17 -2.92 -12.70
H2 ACE A 1 6.19 -3.25 -14.14
H3 ACE A 1 7.08 -1.72 -13.99
N MET A 2 5.41 -0.54 -12.45
CA MET A 2 4.46 0.19 -11.62
C MET A 2 4.16 -0.56 -10.33
N ASN A 3 5.01 -0.38 -9.32
CA ASN A 3 4.64 -0.71 -7.95
C ASN A 3 3.85 0.50 -7.45
N PRO A 4 2.65 0.31 -6.89
CA PRO A 4 1.77 1.40 -6.54
C PRO A 4 2.33 2.20 -5.37
N ASN A 5 1.75 3.36 -5.09
CA ASN A 5 2.06 4.15 -3.90
C ASN A 5 0.94 3.98 -2.90
N CYS A 6 1.31 3.93 -1.62
CA CYS A 6 0.44 3.86 -0.47
C CYS A 6 -0.50 5.07 -0.49
N ALA A 7 -1.79 4.81 -0.33
CA ALA A 7 -2.81 5.84 -0.31
C ALA A 7 -2.64 6.81 0.87
N ARG A 8 -1.93 6.42 1.95
CA ARG A 8 -2.06 7.09 3.24
C ARG A 8 -0.73 7.58 3.80
N CYS A 9 0.42 7.11 3.29
CA CYS A 9 1.69 7.79 3.54
C CYS A 9 2.10 8.52 2.26
N GLY A 10 2.18 7.79 1.15
CA GLY A 10 2.58 8.26 -0.16
C GLY A 10 3.74 7.47 -0.77
N LYS A 11 4.30 6.48 -0.07
CA LYS A 11 5.51 5.79 -0.51
C LYS A 11 5.17 4.55 -1.32
N ILE A 12 6.13 4.11 -2.15
CA ILE A 12 6.00 2.91 -2.98
C ILE A 12 5.68 1.67 -2.13
N VAL A 13 4.93 0.73 -2.69
CA VAL A 13 4.48 -0.52 -2.07
C VAL A 13 5.33 -1.68 -2.62
N TYR A 14 5.27 -2.83 -1.96
CA TYR A 14 6.08 -4.01 -2.22
C TYR A 14 5.20 -5.24 -2.05
N PRO A 15 5.56 -6.41 -2.64
CA PRO A 15 4.77 -7.63 -2.50
C PRO A 15 4.65 -8.08 -1.05
N THR A 16 5.65 -7.81 -0.22
CA THR A 16 5.67 -8.12 1.21
C THR A 16 4.56 -7.37 1.98
N GLU A 17 3.96 -6.34 1.39
CA GLU A 17 3.04 -5.43 2.05
C GLU A 17 1.93 -5.01 1.08
N LYS A 18 1.35 -5.96 0.34
CA LYS A 18 0.13 -5.74 -0.47
C LYS A 18 -1.09 -5.60 0.45
N VAL A 19 -1.03 -4.70 1.43
CA VAL A 19 -2.14 -4.36 2.27
C VAL A 19 -3.22 -3.83 1.36
N ASN A 20 -4.30 -4.58 1.25
CA ASN A 20 -5.55 -4.29 0.60
C ASN A 20 -6.60 -4.90 1.52
N CYS A 21 -7.71 -4.20 1.76
CA CYS A 21 -8.92 -4.79 2.31
C CYS A 21 -10.14 -4.15 1.63
N LEU A 22 -9.97 -3.64 0.41
CA LEU A 22 -10.97 -3.00 -0.42
C LEU A 22 -10.53 -3.27 -1.86
N ASP A 23 -9.82 -2.33 -2.47
CA ASP A 23 -9.47 -2.28 -3.89
C ASP A 23 -8.15 -1.53 -4.13
N LYS A 24 -7.44 -1.12 -3.07
CA LYS A 24 -6.27 -0.25 -3.16
C LYS A 24 -5.24 -0.64 -2.13
N PHE A 25 -4.12 0.05 -2.25
CA PHE A 25 -2.85 -0.35 -1.63
C PHE A 25 -2.45 0.66 -0.56
N TRP A 26 -1.91 0.11 0.53
CA TRP A 26 -1.45 0.79 1.72
C TRP A 26 -0.11 0.15 2.11
N HIS A 27 0.32 0.36 3.35
CA HIS A 27 1.29 -0.50 4.04
C HIS A 27 0.67 -0.87 5.37
N LYS A 28 1.36 -1.71 6.15
CA LYS A 28 0.87 -2.14 7.47
C LYS A 28 0.53 -0.96 8.38
N ALA A 29 1.35 0.10 8.36
CA ALA A 29 1.11 1.26 9.19
C ALA A 29 0.06 2.22 8.62
N CYS A 30 -0.38 2.03 7.38
CA CYS A 30 -1.05 3.07 6.61
C CYS A 30 -2.54 2.76 6.38
N PHE A 31 -2.93 1.48 6.30
CA PHE A 31 -4.35 1.14 6.18
C PHE A 31 -5.07 1.47 7.49
ZN ZN B . 2.49 3.60 3.59
C ACE A 1 7.73 -2.16 -12.65
O ACE A 1 8.67 -1.37 -12.59
CH3 ACE A 1 7.90 -3.47 -13.40
H1 ACE A 1 6.97 -3.74 -13.91
H2 ACE A 1 8.70 -3.38 -14.13
H3 ACE A 1 8.17 -4.27 -12.68
N MET A 2 6.57 -1.96 -12.03
CA MET A 2 6.25 -0.76 -11.26
C MET A 2 5.42 -1.13 -10.02
N ASN A 3 5.88 -0.75 -8.85
CA ASN A 3 5.17 -1.01 -7.59
C ASN A 3 4.12 0.06 -7.36
N PRO A 4 3.00 -0.26 -6.70
CA PRO A 4 2.02 0.74 -6.28
C PRO A 4 2.60 1.63 -5.18
N ASN A 5 1.87 2.66 -4.78
CA ASN A 5 2.18 3.47 -3.61
C ASN A 5 0.98 3.46 -2.68
N CYS A 6 1.24 3.67 -1.40
CA CYS A 6 0.30 3.73 -0.31
C CYS A 6 -0.74 4.79 -0.62
N ALA A 7 -2.00 4.38 -0.62
CA ALA A 7 -3.12 5.29 -0.71
C ALA A 7 -3.22 6.21 0.52
N ARG A 8 -2.45 5.98 1.60
CA ARG A 8 -2.32 6.98 2.65
C ARG A 8 -1.08 7.83 2.43
N CYS A 9 0.12 7.25 2.55
CA CYS A 9 1.32 8.02 2.82
C CYS A 9 2.02 8.46 1.51
N GLY A 10 1.67 7.85 0.37
CA GLY A 10 2.30 8.08 -0.91
C GLY A 10 3.69 7.44 -1.07
N LYS A 11 4.11 6.53 -0.19
CA LYS A 11 5.38 5.80 -0.34
C LYS A 11 5.14 4.44 -1.00
N ILE A 12 6.18 3.90 -1.65
CA ILE A 12 6.11 2.66 -2.41
C ILE A 12 5.62 1.49 -1.55
N VAL A 13 4.75 0.64 -2.12
CA VAL A 13 4.15 -0.54 -1.48
C VAL A 13 4.69 -1.75 -2.24
N TYR A 14 5.71 -2.39 -1.68
CA TYR A 14 6.34 -3.58 -2.26
C TYR A 14 5.41 -4.78 -2.19
N PRO A 15 5.59 -5.80 -3.07
CA PRO A 15 4.67 -6.92 -3.17
C PRO A 15 4.72 -7.84 -1.95
N THR A 16 5.88 -7.98 -1.31
CA THR A 16 6.02 -8.71 -0.06
C THR A 16 5.32 -8.01 1.12
N GLU A 17 4.81 -6.79 0.94
CA GLU A 17 4.01 -6.06 1.92
C GLU A 17 2.55 -6.09 1.44
N LYS A 18 2.20 -5.32 0.40
CA LYS A 18 0.86 -5.11 -0.16
C LYS A 18 -0.31 -5.37 0.80
N VAL A 19 -0.58 -4.49 1.76
CA VAL A 19 -1.90 -4.43 2.37
C VAL A 19 -2.89 -4.09 1.25
N ASN A 20 -3.99 -4.84 1.13
CA ASN A 20 -5.15 -4.50 0.32
C ASN A 20 -6.34 -4.68 1.25
N CYS A 21 -7.01 -3.59 1.63
CA CYS A 21 -8.12 -3.61 2.60
C CYS A 21 -9.30 -2.77 2.13
N LEU A 22 -9.27 -2.42 0.85
CA LEU A 22 -10.29 -1.79 0.05
C LEU A 22 -9.99 -2.30 -1.36
N ASP A 23 -10.34 -1.55 -2.40
CA ASP A 23 -9.85 -1.78 -3.75
C ASP A 23 -8.47 -1.11 -3.96
N LYS A 24 -7.85 -0.58 -2.90
CA LYS A 24 -6.59 0.16 -2.93
C LYS A 24 -5.58 -0.43 -1.95
N PHE A 25 -4.36 0.11 -2.02
CA PHE A 25 -3.13 -0.46 -1.46
C PHE A 25 -2.63 0.44 -0.33
N TRP A 26 -2.12 -0.17 0.74
CA TRP A 26 -1.63 0.50 1.93
C TRP A 26 -0.30 -0.12 2.37
N HIS A 27 0.24 0.37 3.48
CA HIS A 27 1.21 -0.38 4.28
C HIS A 27 0.51 -0.92 5.51
N LYS A 28 1.16 -1.84 6.24
CA LYS A 28 0.69 -2.39 7.52
C LYS A 28 -0.09 -1.37 8.35
N ALA A 29 0.59 -0.32 8.84
CA ALA A 29 0.00 0.68 9.73
C ALA A 29 -0.60 1.89 9.00
N CYS A 30 -0.58 1.94 7.67
CA CYS A 30 -1.19 3.00 6.86
C CYS A 30 -2.63 2.63 6.46
N PHE A 31 -3.18 1.53 6.98
CA PHE A 31 -4.52 1.00 6.69
C PHE A 31 -5.53 2.13 6.44
ZN ZN B . 2.20 3.92 3.80
C ACE A 1 7.59 -1.36 -11.54
O ACE A 1 6.91 -2.23 -10.99
CH3 ACE A 1 8.96 -1.72 -12.07
H1 ACE A 1 9.72 -1.12 -11.56
H2 ACE A 1 9.16 -2.77 -11.88
H3 ACE A 1 9.00 -1.53 -13.14
N MET A 2 7.11 -0.14 -11.83
CA MET A 2 5.73 0.34 -11.65
C MET A 2 5.06 -0.21 -10.37
N ASN A 3 5.72 -0.07 -9.22
CA ASN A 3 5.17 -0.60 -7.97
C ASN A 3 4.17 0.43 -7.43
N PRO A 4 3.12 -0.01 -6.72
CA PRO A 4 2.09 0.88 -6.21
C PRO A 4 2.68 1.83 -5.17
N ASN A 5 1.93 2.86 -4.79
CA ASN A 5 2.31 3.76 -3.71
C ASN A 5 1.13 3.83 -2.76
N CYS A 6 1.44 3.93 -1.48
CA CYS A 6 0.55 3.91 -0.33
C CYS A 6 -0.47 5.02 -0.57
N ALA A 7 -1.73 4.64 -0.68
CA ALA A 7 -2.81 5.61 -0.85
C ALA A 7 -2.95 6.51 0.39
N ARG A 8 -2.28 6.21 1.52
CA ARG A 8 -2.29 7.08 2.69
C ARG A 8 -1.08 7.98 2.64
N CYS A 9 0.12 7.46 2.83
CA CYS A 9 1.28 8.29 3.14
C CYS A 9 1.94 8.86 1.88
N GLY A 10 1.77 8.21 0.72
CA GLY A 10 2.38 8.56 -0.55
C GLY A 10 3.66 7.78 -0.89
N LYS A 11 4.18 6.88 -0.05
CA LYS A 11 5.46 6.20 -0.31
C LYS A 11 5.24 4.87 -1.02
N ILE A 12 6.22 4.39 -1.80
CA ILE A 12 6.08 3.15 -2.59
C ILE A 12 5.71 1.94 -1.71
N VAL A 13 5.03 0.96 -2.28
CA VAL A 13 4.49 -0.24 -1.66
C VAL A 13 5.04 -1.42 -2.46
N TYR A 14 5.66 -2.39 -1.79
CA TYR A 14 6.29 -3.55 -2.43
C TYR A 14 5.25 -4.67 -2.62
N PRO A 15 5.51 -5.78 -3.34
CA PRO A 15 4.59 -6.92 -3.37
C PRO A 15 4.50 -7.63 -2.01
N THR A 16 5.59 -7.61 -1.26
CA THR A 16 5.81 -8.24 0.04
C THR A 16 4.86 -7.75 1.13
N GLU A 17 4.24 -6.58 0.97
CA GLU A 17 3.59 -5.87 2.06
C GLU A 17 2.06 -5.76 1.94
N LYS A 18 1.47 -6.11 0.77
CA LYS A 18 0.12 -5.69 0.38
C LYS A 18 -0.94 -5.86 1.47
N VAL A 19 -1.21 -4.80 2.21
CA VAL A 19 -2.42 -4.66 2.95
C VAL A 19 -3.56 -4.72 1.93
N ASN A 20 -4.56 -5.53 2.22
CA ASN A 20 -5.79 -5.62 1.46
C ASN A 20 -6.75 -4.66 2.16
N CYS A 21 -7.57 -3.95 1.41
CA CYS A 21 -8.48 -2.93 1.89
C CYS A 21 -9.67 -2.90 0.93
N LEU A 22 -10.23 -1.71 0.66
CA LEU A 22 -11.30 -1.47 -0.30
C LEU A 22 -11.00 -2.22 -1.60
N ASP A 23 -10.04 -1.73 -2.38
CA ASP A 23 -9.52 -2.39 -3.60
C ASP A 23 -8.09 -1.91 -3.91
N LYS A 24 -7.36 -1.39 -2.90
CA LYS A 24 -6.05 -0.76 -3.06
C LYS A 24 -5.15 -1.08 -1.89
N PHE A 25 -3.88 -0.69 -2.03
CA PHE A 25 -2.77 -1.17 -1.22
C PHE A 25 -2.19 -0.05 -0.35
N TRP A 26 -1.75 -0.46 0.84
CA TRP A 26 -1.23 0.40 1.90
C TRP A 26 0.00 -0.28 2.48
N HIS A 27 0.83 0.47 3.22
CA HIS A 27 1.75 -0.16 4.18
C HIS A 27 0.96 -0.80 5.31
N LYS A 28 1.62 -1.72 6.02
CA LYS A 28 1.10 -2.47 7.18
C LYS A 28 0.30 -1.56 8.10
N ALA A 29 0.90 -0.45 8.55
CA ALA A 29 0.29 0.53 9.44
C ALA A 29 -0.45 1.69 8.75
N CYS A 30 -0.45 1.79 7.42
CA CYS A 30 -1.09 2.87 6.67
C CYS A 30 -2.53 2.53 6.23
N PHE A 31 -3.04 1.34 6.53
CA PHE A 31 -4.35 0.79 6.12
C PHE A 31 -5.46 1.85 6.00
ZN ZN B . 2.42 4.20 3.85
C ACE A 1 6.86 0.15 -11.50
O ACE A 1 6.86 1.16 -10.79
CH3 ACE A 1 8.15 -0.63 -11.68
H1 ACE A 1 8.12 -1.22 -12.59
H2 ACE A 1 9.00 0.06 -11.73
H3 ACE A 1 8.29 -1.28 -10.82
N MET A 2 5.78 -0.30 -12.13
CA MET A 2 4.45 0.28 -11.93
C MET A 2 3.79 -0.35 -10.71
N ASN A 3 4.38 -0.12 -9.53
CA ASN A 3 3.81 -0.60 -8.28
C ASN A 3 2.76 0.40 -7.81
N PRO A 4 1.73 -0.02 -7.07
CA PRO A 4 0.79 0.91 -6.45
C PRO A 4 1.49 1.67 -5.32
N ASN A 5 0.99 2.86 -4.99
CA ASN A 5 1.41 3.60 -3.80
C ASN A 5 0.47 3.26 -2.65
N CYS A 6 0.93 3.55 -1.45
CA CYS A 6 0.21 3.49 -0.21
C CYS A 6 -0.89 4.53 -0.29
N ALA A 7 -2.14 4.08 -0.26
CA ALA A 7 -3.28 4.96 -0.15
C ALA A 7 -3.28 5.79 1.14
N ARG A 8 -2.39 5.54 2.11
CA ARG A 8 -2.16 6.45 3.22
C ARG A 8 -0.99 7.37 2.88
N CYS A 9 0.23 6.83 2.83
CA CYS A 9 1.43 7.67 2.98
C CYS A 9 1.90 8.21 1.63
N GLY A 10 1.40 7.67 0.52
CA GLY A 10 1.77 8.09 -0.82
C GLY A 10 3.20 7.71 -1.23
N LYS A 11 3.84 6.74 -0.56
CA LYS A 11 5.04 6.09 -1.09
C LYS A 11 4.68 4.74 -1.71
N ILE A 12 5.55 4.24 -2.58
CA ILE A 12 5.39 2.96 -3.26
C ILE A 12 5.20 1.80 -2.28
N VAL A 13 4.42 0.78 -2.65
CA VAL A 13 4.21 -0.44 -1.87
C VAL A 13 5.04 -1.55 -2.53
N TYR A 14 5.40 -2.56 -1.75
CA TYR A 14 6.08 -3.76 -2.21
C TYR A 14 5.33 -4.99 -1.69
N PRO A 15 5.43 -6.15 -2.38
CA PRO A 15 4.57 -7.30 -2.13
C PRO A 15 4.77 -7.97 -0.77
N THR A 16 5.82 -7.62 -0.05
CA THR A 16 6.08 -8.03 1.32
C THR A 16 5.13 -7.25 2.26
N GLU A 17 5.29 -5.93 2.33
CA GLU A 17 4.68 -5.00 3.29
C GLU A 17 3.23 -4.65 2.95
N LYS A 18 2.70 -5.16 1.82
CA LYS A 18 1.36 -4.89 1.31
C LYS A 18 0.27 -5.07 2.37
N VAL A 19 -0.81 -4.29 2.24
CA VAL A 19 -2.12 -4.51 2.81
C VAL A 19 -3.11 -4.05 1.73
N ASN A 20 -4.39 -4.40 1.91
CA ASN A 20 -5.46 -4.30 0.93
C ASN A 20 -6.62 -3.47 1.50
N CYS A 21 -7.32 -2.73 0.65
CA CYS A 21 -8.67 -2.24 0.88
C CYS A 21 -9.37 -2.17 -0.50
N LEU A 22 -10.59 -1.63 -0.54
CA LEU A 22 -11.63 -1.82 -1.56
C LEU A 22 -11.04 -1.99 -2.95
N ASP A 23 -10.40 -0.96 -3.52
CA ASP A 23 -9.46 -1.16 -4.62
C ASP A 23 -8.22 -0.31 -4.41
N LYS A 24 -7.53 -0.52 -3.29
CA LYS A 24 -6.33 0.24 -2.92
C LYS A 24 -5.34 -0.69 -2.23
N PHE A 25 -4.07 -0.31 -2.25
CA PHE A 25 -2.99 -0.96 -1.50
C PHE A 25 -2.48 0.00 -0.45
N TRP A 26 -1.92 -0.56 0.62
CA TRP A 26 -1.32 0.16 1.73
C TRP A 26 -0.01 -0.54 2.09
N HIS A 27 0.69 0.01 3.06
CA HIS A 27 1.69 -0.73 3.83
C HIS A 27 1.06 -1.28 5.11
N LYS A 28 1.78 -2.18 5.78
CA LYS A 28 1.44 -2.80 7.06
C LYS A 28 0.82 -1.82 8.04
N ALA A 29 1.60 -0.85 8.52
CA ALA A 29 1.16 0.16 9.49
C ALA A 29 0.45 1.35 8.85
N CYS A 30 0.18 1.32 7.54
CA CYS A 30 -0.55 2.36 6.85
C CYS A 30 -2.04 2.01 6.64
N PHE A 31 -2.41 0.74 6.58
CA PHE A 31 -3.83 0.40 6.52
C PHE A 31 -4.53 0.86 7.79
ZN ZN B . 2.62 3.64 3.66
C ACE A 1 8.68 -2.74 -9.77
O ACE A 1 8.65 -2.33 -8.60
CH3 ACE A 1 9.59 -3.89 -10.16
H1 ACE A 1 10.17 -3.61 -11.04
H2 ACE A 1 10.28 -4.10 -9.33
H3 ACE A 1 8.99 -4.77 -10.37
N MET A 2 8.00 -2.13 -10.75
CA MET A 2 7.01 -1.09 -10.48
C MET A 2 5.93 -1.63 -9.53
N ASN A 3 5.42 -0.74 -8.69
CA ASN A 3 4.47 -1.05 -7.63
C ASN A 3 3.57 0.17 -7.43
N PRO A 4 2.42 0.02 -6.76
CA PRO A 4 1.57 1.14 -6.39
C PRO A 4 2.22 1.97 -5.28
N ASN A 5 1.67 3.15 -5.00
CA ASN A 5 1.97 3.92 -3.80
C ASN A 5 0.92 3.64 -2.74
N CYS A 6 1.32 3.79 -1.47
CA CYS A 6 0.48 3.77 -0.29
C CYS A 6 -0.54 4.89 -0.48
N ALA A 7 -1.83 4.56 -0.44
CA ALA A 7 -2.91 5.54 -0.48
C ALA A 7 -2.91 6.47 0.74
N ARG A 8 -2.01 6.28 1.72
CA ARG A 8 -1.89 7.11 2.92
C ARG A 8 -0.56 7.84 2.97
N CYS A 9 0.59 7.15 2.99
CA CYS A 9 1.86 7.82 3.26
C CYS A 9 2.46 8.44 2.00
N GLY A 10 2.08 7.92 0.82
CA GLY A 10 2.60 8.37 -0.45
C GLY A 10 3.93 7.71 -0.84
N LYS A 11 4.42 6.67 -0.16
CA LYS A 11 5.61 5.95 -0.63
C LYS A 11 5.17 4.78 -1.50
N ILE A 12 6.03 4.35 -2.42
CA ILE A 12 5.83 3.10 -3.12
C ILE A 12 5.68 1.94 -2.12
N VAL A 13 4.92 0.92 -2.50
CA VAL A 13 4.72 -0.31 -1.76
C VAL A 13 5.58 -1.39 -2.45
N TYR A 14 5.67 -2.58 -1.86
CA TYR A 14 6.37 -3.72 -2.43
C TYR A 14 5.50 -4.97 -2.24
N PRO A 15 5.68 -6.02 -3.05
CA PRO A 15 4.78 -7.16 -3.08
C PRO A 15 5.08 -8.20 -2.02
N THR A 16 4.83 -7.73 -0.82
CA THR A 16 4.75 -8.36 0.47
C THR A 16 3.66 -7.58 1.20
N GLU A 17 3.99 -6.36 1.61
CA GLU A 17 3.23 -5.58 2.56
C GLU A 17 1.95 -4.96 1.97
N LYS A 18 1.80 -4.92 0.63
CA LYS A 18 0.61 -4.41 -0.05
C LYS A 18 -0.66 -5.06 0.49
N VAL A 19 -1.33 -4.38 1.43
CA VAL A 19 -2.56 -4.88 2.02
C VAL A 19 -3.65 -4.91 0.95
N ASN A 20 -4.75 -5.59 1.25
CA ASN A 20 -5.95 -5.66 0.46
C ASN A 20 -7.09 -5.66 1.48
N CYS A 21 -7.81 -4.55 1.55
CA CYS A 21 -8.85 -4.24 2.53
C CYS A 21 -9.83 -3.22 1.93
N LEU A 22 -9.89 -3.21 0.60
CA LEU A 22 -10.40 -2.30 -0.42
C LEU A 22 -9.61 -2.72 -1.67
N ASP A 23 -9.91 -2.16 -2.84
CA ASP A 23 -9.25 -2.54 -4.10
C ASP A 23 -7.91 -1.81 -4.31
N LYS A 24 -7.32 -1.26 -3.24
CA LYS A 24 -6.12 -0.41 -3.24
C LYS A 24 -5.14 -0.86 -2.17
N PHE A 25 -4.05 -0.10 -2.07
CA PHE A 25 -2.81 -0.56 -1.46
C PHE A 25 -2.40 0.43 -0.38
N TRP A 26 -2.05 -0.11 0.78
CA TRP A 26 -1.55 0.63 1.93
C TRP A 26 -0.36 -0.20 2.46
N HIS A 27 0.29 0.25 3.52
CA HIS A 27 1.25 -0.53 4.31
C HIS A 27 0.64 -0.89 5.68
N LYS A 28 1.35 -1.72 6.47
CA LYS A 28 0.92 -2.22 7.78
C LYS A 28 0.26 -1.19 8.68
N ALA A 29 0.94 -0.07 8.96
CA ALA A 29 0.42 1.01 9.81
C ALA A 29 -0.33 2.09 9.01
N CYS A 30 -0.27 2.07 7.68
CA CYS A 30 -0.77 3.14 6.85
C CYS A 30 -2.22 2.88 6.40
N PHE A 31 -2.74 1.65 6.53
CA PHE A 31 -4.16 1.40 6.36
C PHE A 31 -4.93 2.09 7.50
ZN ZN B . 2.70 3.63 3.72
C ACE A 1 8.94 0.81 -10.82
O ACE A 1 8.66 1.87 -10.25
CH3 ACE A 1 10.34 0.24 -10.74
H1 ACE A 1 10.39 -0.76 -11.16
H2 ACE A 1 11.03 0.89 -11.28
H3 ACE A 1 10.65 0.22 -9.69
N MET A 2 8.04 0.14 -11.55
CA MET A 2 6.60 0.35 -11.37
C MET A 2 6.18 -0.34 -10.08
N ASN A 3 5.54 0.38 -9.16
CA ASN A 3 4.70 -0.18 -8.13
C ASN A 3 3.72 0.92 -7.73
N PRO A 4 2.53 0.58 -7.19
CA PRO A 4 1.59 1.60 -6.75
C PRO A 4 2.14 2.34 -5.54
N ASN A 5 1.46 3.41 -5.12
CA ASN A 5 1.79 4.12 -3.89
C ASN A 5 0.63 3.94 -2.94
N CYS A 6 0.94 3.81 -1.66
CA CYS A 6 0.03 3.82 -0.54
C CYS A 6 -0.56 5.22 -0.48
N ALA A 7 -1.87 5.32 -0.66
CA ALA A 7 -2.60 6.57 -0.68
C ALA A 7 -2.60 7.28 0.69
N ARG A 8 -2.05 6.67 1.75
CA ARG A 8 -2.05 7.25 3.10
C ARG A 8 -0.78 8.02 3.35
N CYS A 9 0.37 7.39 3.09
CA CYS A 9 1.67 7.96 3.38
C CYS A 9 2.17 8.72 2.14
N GLY A 10 2.02 8.09 0.97
CA GLY A 10 2.43 8.52 -0.35
C GLY A 10 3.56 7.65 -0.91
N LYS A 11 4.02 6.61 -0.19
CA LYS A 11 5.22 5.86 -0.51
C LYS A 11 4.90 4.65 -1.38
N ILE A 12 5.86 4.24 -2.19
CA ILE A 12 5.76 3.07 -3.07
C ILE A 12 5.43 1.82 -2.24
N VAL A 13 4.73 0.87 -2.83
CA VAL A 13 4.18 -0.32 -2.18
C VAL A 13 5.06 -1.52 -2.55
N TYR A 14 5.11 -2.55 -1.71
CA TYR A 14 6.02 -3.68 -1.87
C TYR A 14 5.27 -5.00 -1.69
N PRO A 15 5.41 -5.99 -2.60
CA PRO A 15 4.82 -7.32 -2.45
C PRO A 15 5.56 -8.10 -1.36
N THR A 16 5.10 -7.88 -0.13
CA THR A 16 5.49 -8.37 1.18
C THR A 16 4.65 -7.61 2.22
N GLU A 17 4.15 -6.42 1.87
CA GLU A 17 3.42 -5.52 2.73
C GLU A 17 2.19 -4.96 2.00
N LYS A 18 1.72 -5.60 0.92
CA LYS A 18 0.51 -5.22 0.21
C LYS A 18 -0.69 -5.60 1.07
N VAL A 19 -0.96 -4.81 2.10
CA VAL A 19 -2.21 -4.84 2.85
C VAL A 19 -3.33 -4.81 1.83
N ASN A 20 -4.36 -5.64 2.01
CA ASN A 20 -5.50 -5.65 1.11
C ASN A 20 -6.57 -4.73 1.67
N CYS A 21 -7.29 -4.05 0.78
CA CYS A 21 -8.38 -3.15 1.08
C CYS A 21 -9.34 -3.15 -0.11
N LEU A 22 -10.38 -2.32 0.01
CA LEU A 22 -11.54 -2.14 -0.85
C LEU A 22 -11.18 -2.36 -2.32
N ASP A 23 -10.33 -1.50 -2.86
CA ASP A 23 -9.87 -1.48 -4.24
C ASP A 23 -8.33 -1.39 -4.36
N LYS A 24 -7.61 -1.27 -3.24
CA LYS A 24 -6.22 -0.80 -3.22
C LYS A 24 -5.36 -1.52 -2.19
N PHE A 25 -4.12 -1.08 -2.13
CA PHE A 25 -3.07 -1.55 -1.24
C PHE A 25 -2.65 -0.46 -0.26
N TRP A 26 -1.96 -0.83 0.82
CA TRP A 26 -1.35 0.09 1.78
C TRP A 26 0.05 -0.42 2.13
N HIS A 27 0.56 0.02 3.28
CA HIS A 27 1.62 -0.63 4.05
C HIS A 27 1.01 -1.06 5.37
N LYS A 28 1.68 -1.93 6.12
CA LYS A 28 1.21 -2.49 7.37
C LYS A 28 0.85 -1.38 8.36
N ALA A 29 1.70 -0.35 8.42
CA ALA A 29 1.54 0.82 9.27
C ALA A 29 0.53 1.86 8.74
N CYS A 30 -0.01 1.70 7.53
CA CYS A 30 -0.75 2.75 6.83
C CYS A 30 -2.25 2.47 6.62
N PHE A 31 -2.72 1.27 6.94
CA PHE A 31 -4.04 0.80 6.56
C PHE A 31 -5.12 1.77 7.08
ZN ZN B . 2.06 3.64 3.37
C ACE A 1 8.92 -0.78 -11.99
O ACE A 1 9.38 0.35 -11.81
CH3 ACE A 1 9.79 -1.84 -12.64
H1 ACE A 1 9.53 -1.95 -13.68
H2 ACE A 1 10.84 -1.56 -12.56
H3 ACE A 1 9.65 -2.81 -12.13
N MET A 2 7.67 -1.11 -11.68
CA MET A 2 6.72 -0.24 -10.98
C MET A 2 6.01 -1.08 -9.92
N ASN A 3 5.42 -0.41 -8.93
CA ASN A 3 4.63 -1.03 -7.87
C ASN A 3 3.53 -0.04 -7.44
N PRO A 4 2.52 -0.47 -6.66
CA PRO A 4 1.50 0.42 -6.11
C PRO A 4 2.06 1.55 -5.23
N ASN A 5 1.21 2.49 -4.81
CA ASN A 5 1.61 3.72 -4.11
C ASN A 5 0.70 3.94 -2.92
N CYS A 6 1.29 4.12 -1.73
CA CYS A 6 0.58 4.44 -0.50
C CYS A 6 -0.04 5.82 -0.63
N ALA A 7 -1.36 5.84 -0.74
CA ALA A 7 -2.13 7.07 -0.69
C ALA A 7 -2.16 7.67 0.72
N ARG A 8 -1.59 7.03 1.75
CA ARG A 8 -1.47 7.59 3.10
C ARG A 8 -0.12 8.26 3.27
N CYS A 9 0.98 7.50 3.25
CA CYS A 9 2.28 8.04 3.62
C CYS A 9 2.93 8.75 2.43
N GLY A 10 2.84 8.14 1.24
CA GLY A 10 3.44 8.62 0.00
C GLY A 10 4.52 7.71 -0.58
N LYS A 11 4.87 6.56 0.02
CA LYS A 11 5.89 5.66 -0.54
C LYS A 11 5.30 4.57 -1.42
N ILE A 12 6.11 4.03 -2.33
CA ILE A 12 5.80 2.84 -3.13
C ILE A 12 5.45 1.65 -2.20
N VAL A 13 4.62 0.71 -2.66
CA VAL A 13 4.09 -0.38 -1.87
C VAL A 13 4.58 -1.69 -2.46
N TYR A 14 5.67 -2.21 -1.91
CA TYR A 14 6.20 -3.51 -2.31
C TYR A 14 5.24 -4.63 -1.87
N PRO A 15 5.20 -5.77 -2.59
CA PRO A 15 4.21 -6.82 -2.42
C PRO A 15 4.08 -7.38 -1.00
N THR A 16 5.19 -7.53 -0.29
CA THR A 16 5.20 -8.04 1.08
C THR A 16 4.37 -7.14 2.00
N GLU A 17 4.37 -5.83 1.76
CA GLU A 17 3.74 -4.87 2.68
C GLU A 17 2.33 -4.50 2.23
N LYS A 18 2.02 -4.70 0.95
CA LYS A 18 0.78 -4.46 0.26
C LYS A 18 -0.41 -5.15 0.93
N VAL A 19 -1.11 -4.44 1.81
CA VAL A 19 -2.46 -4.78 2.18
C VAL A 19 -3.33 -4.60 0.93
N ASN A 20 -4.44 -5.32 0.83
CA ASN A 20 -5.57 -4.99 -0.01
C ASN A 20 -6.79 -5.36 0.80
N CYS A 21 -7.44 -4.36 1.40
CA CYS A 21 -8.57 -4.58 2.30
C CYS A 21 -9.92 -4.22 1.69
N LEU A 22 -9.90 -3.80 0.44
CA LEU A 22 -11.04 -3.51 -0.43
C LEU A 22 -10.53 -3.75 -1.85
N ASP A 23 -10.12 -2.67 -2.51
CA ASP A 23 -9.46 -2.61 -3.82
C ASP A 23 -8.25 -1.66 -3.76
N LYS A 24 -8.01 -1.05 -2.60
CA LYS A 24 -7.01 0.00 -2.44
C LYS A 24 -5.83 -0.61 -1.68
N PHE A 25 -4.62 -0.15 -1.97
CA PHE A 25 -3.37 -0.75 -1.55
C PHE A 25 -2.66 0.19 -0.59
N TRP A 26 -2.25 -0.35 0.55
CA TRP A 26 -1.58 0.40 1.60
C TRP A 26 -0.41 -0.44 2.12
N HIS A 27 0.45 0.15 2.95
CA HIS A 27 1.40 -0.61 3.76
C HIS A 27 0.73 -1.13 5.04
N LYS A 28 1.48 -1.94 5.80
CA LYS A 28 1.11 -2.50 7.10
C LYS A 28 0.25 -1.57 7.94
N ALA A 29 0.82 -0.48 8.45
CA ALA A 29 0.12 0.49 9.29
C ALA A 29 -0.51 1.66 8.51
N CYS A 30 -0.50 1.62 7.17
CA CYS A 30 -1.17 2.60 6.32
C CYS A 30 -2.59 2.13 5.93
N PHE A 31 -2.99 0.92 6.34
CA PHE A 31 -4.37 0.44 6.23
C PHE A 31 -5.33 1.45 6.87
ZN ZN B . 2.48 3.80 3.64
C ACE A 1 9.10 2.33 -9.53
O ACE A 1 9.15 1.29 -8.89
CH3 ACE A 1 10.11 3.43 -9.23
H1 ACE A 1 9.66 4.17 -8.57
H2 ACE A 1 10.98 3.00 -8.74
H3 ACE A 1 10.42 3.90 -10.16
N MET A 2 8.21 2.59 -10.49
CA MET A 2 7.32 1.62 -11.13
C MET A 2 6.60 0.68 -10.17
N ASN A 3 6.18 1.17 -9.00
CA ASN A 3 5.46 0.36 -8.00
C ASN A 3 4.31 1.16 -7.40
N PRO A 4 3.29 0.49 -6.83
CA PRO A 4 2.12 1.16 -6.26
C PRO A 4 2.50 2.06 -5.09
N ASN A 5 1.65 3.05 -4.80
CA ASN A 5 1.83 3.98 -3.69
C ASN A 5 0.77 3.74 -2.63
N CYS A 6 1.18 3.80 -1.38
CA CYS A 6 0.33 3.92 -0.21
C CYS A 6 -0.32 5.30 -0.32
N ALA A 7 -1.63 5.37 -0.51
CA ALA A 7 -2.30 6.66 -0.70
C ALA A 7 -2.36 7.50 0.59
N ARG A 8 -1.89 6.98 1.73
CA ARG A 8 -1.91 7.70 3.02
C ARG A 8 -0.61 8.45 3.25
N CYS A 9 0.54 7.86 2.91
CA CYS A 9 1.85 8.47 3.14
C CYS A 9 2.45 8.97 1.81
N GLY A 10 2.06 8.39 0.68
CA GLY A 10 2.63 8.64 -0.63
C GLY A 10 3.95 7.90 -0.87
N LYS A 11 4.33 6.92 -0.04
CA LYS A 11 5.55 6.13 -0.23
C LYS A 11 5.20 4.86 -0.99
N ILE A 12 6.12 4.38 -1.82
CA ILE A 12 5.99 3.14 -2.57
C ILE A 12 5.71 1.95 -1.66
N VAL A 13 4.98 0.96 -2.18
CA VAL A 13 4.54 -0.26 -1.51
C VAL A 13 5.24 -1.48 -2.15
N TYR A 14 5.13 -2.64 -1.52
CA TYR A 14 5.86 -3.86 -1.86
C TYR A 14 4.87 -5.02 -1.99
N PRO A 15 5.05 -5.94 -2.95
CA PRO A 15 4.23 -7.12 -3.11
C PRO A 15 4.57 -8.13 -2.00
N THR A 16 3.92 -7.91 -0.88
CA THR A 16 3.94 -8.61 0.39
C THR A 16 3.07 -7.75 1.29
N GLU A 17 3.51 -6.50 1.57
CA GLU A 17 2.86 -5.68 2.57
C GLU A 17 1.51 -5.16 2.10
N LYS A 18 1.37 -4.94 0.79
CA LYS A 18 0.31 -4.29 0.03
C LYS A 18 -1.14 -4.62 0.45
N VAL A 19 -1.58 -4.26 1.67
CA VAL A 19 -2.79 -4.79 2.29
C VAL A 19 -3.96 -4.58 1.32
N ASN A 20 -4.46 -5.66 0.71
CA ASN A 20 -5.34 -5.53 -0.46
C ASN A 20 -6.75 -5.60 0.12
N CYS A 21 -7.09 -4.63 0.97
CA CYS A 21 -8.17 -4.76 1.94
C CYS A 21 -9.38 -3.90 1.59
N LEU A 22 -9.49 -3.51 0.32
CA LEU A 22 -10.65 -2.88 -0.25
C LEU A 22 -10.60 -3.32 -1.71
N ASP A 23 -9.95 -2.53 -2.56
CA ASP A 23 -9.54 -2.84 -3.92
C ASP A 23 -8.10 -2.36 -4.16
N LYS A 24 -7.45 -1.80 -3.14
CA LYS A 24 -6.15 -1.14 -3.21
C LYS A 24 -5.31 -1.54 -2.03
N PHE A 25 -4.10 -1.02 -2.07
CA PHE A 25 -2.91 -1.45 -1.38
C PHE A 25 -2.45 -0.36 -0.41
N TRP A 26 -1.98 -0.74 0.77
CA TRP A 26 -1.40 0.17 1.75
C TRP A 26 -0.13 -0.44 2.34
N HIS A 27 0.60 0.34 3.15
CA HIS A 27 1.54 -0.25 4.10
C HIS A 27 0.76 -0.76 5.30
N LYS A 28 1.40 -1.65 6.05
CA LYS A 28 0.96 -2.11 7.35
C LYS A 28 0.69 -0.92 8.27
N ALA A 29 1.66 -0.01 8.40
CA ALA A 29 1.56 1.18 9.26
C ALA A 29 0.63 2.28 8.74
N CYS A 30 0.02 2.16 7.56
CA CYS A 30 -0.78 3.20 6.93
C CYS A 30 -2.24 2.76 6.71
N PHE A 31 -2.55 1.46 6.88
CA PHE A 31 -3.92 0.99 6.72
C PHE A 31 -4.77 1.47 7.89
ZN ZN B . 2.52 4.15 3.77
C ACE A 1 7.80 0.28 -13.21
O ACE A 1 8.08 1.46 -13.34
CH3 ACE A 1 8.85 -0.81 -13.41
H1 ACE A 1 8.56 -1.46 -14.23
H2 ACE A 1 9.81 -0.34 -13.66
H3 ACE A 1 8.96 -1.39 -12.50
N MET A 2 6.57 -0.12 -12.85
CA MET A 2 5.56 0.74 -12.26
C MET A 2 4.87 -0.03 -11.14
N ASN A 3 4.30 0.70 -10.17
CA ASN A 3 3.76 0.14 -8.94
C ASN A 3 2.62 1.02 -8.43
N PRO A 4 1.72 0.50 -7.57
CA PRO A 4 0.79 1.31 -6.81
C PRO A 4 1.54 2.07 -5.70
N ASN A 5 0.85 2.98 -5.01
CA ASN A 5 1.39 3.68 -3.85
C ASN A 5 0.44 3.51 -2.68
N CYS A 6 0.99 3.66 -1.49
CA CYS A 6 0.33 3.67 -0.22
C CYS A 6 -0.59 4.88 -0.21
N ALA A 7 -1.88 4.59 -0.13
CA ALA A 7 -2.96 5.56 -0.09
C ALA A 7 -2.95 6.46 1.17
N ARG A 8 -1.94 6.39 2.04
CA ARG A 8 -1.81 7.23 3.24
C ARG A 8 -0.48 7.96 3.37
N CYS A 9 0.65 7.37 2.95
CA CYS A 9 1.95 8.01 3.08
C CYS A 9 2.50 8.54 1.74
N GLY A 10 2.03 8.00 0.62
CA GLY A 10 2.47 8.35 -0.72
C GLY A 10 3.69 7.56 -1.21
N LYS A 11 4.16 6.55 -0.48
CA LYS A 11 5.32 5.75 -0.89
C LYS A 11 4.86 4.51 -1.65
N ILE A 12 5.75 3.85 -2.38
CA ILE A 12 5.52 2.55 -2.99
C ILE A 12 5.10 1.52 -1.93
N VAL A 13 4.49 0.40 -2.36
CA VAL A 13 4.11 -0.72 -1.51
C VAL A 13 4.67 -2.00 -2.15
N TYR A 14 5.75 -2.57 -1.59
CA TYR A 14 6.39 -3.79 -2.08
C TYR A 14 5.46 -4.99 -1.83
N PRO A 15 5.54 -6.10 -2.59
CA PRO A 15 4.57 -7.20 -2.48
C PRO A 15 4.66 -7.94 -1.14
N THR A 16 5.84 -7.93 -0.52
CA THR A 16 6.11 -8.39 0.84
C THR A 16 5.35 -7.59 1.90
N GLU A 17 4.80 -6.43 1.52
CA GLU A 17 4.25 -5.41 2.42
C GLU A 17 2.84 -4.97 2.00
N LYS A 18 2.38 -5.35 0.80
CA LYS A 18 1.05 -5.08 0.27
C LYS A 18 -0.01 -5.71 1.16
N VAL A 19 -0.72 -4.90 1.93
CA VAL A 19 -2.02 -5.26 2.47
C VAL A 19 -2.98 -5.46 1.29
N ASN A 20 -4.19 -5.89 1.58
CA ASN A 20 -5.32 -5.71 0.68
C ASN A 20 -6.37 -4.96 1.46
N CYS A 21 -7.01 -4.01 0.81
CA CYS A 21 -8.19 -3.32 1.29
C CYS A 21 -9.16 -3.19 0.11
N LEU A 22 -10.16 -2.30 0.21
CA LEU A 22 -11.28 -2.16 -0.71
C LEU A 22 -10.82 -2.35 -2.17
N ASP A 23 -10.01 -1.42 -2.67
CA ASP A 23 -9.42 -1.50 -4.01
C ASP A 23 -8.03 -0.82 -4.02
N LYS A 24 -7.49 -0.48 -2.86
CA LYS A 24 -6.31 0.39 -2.70
C LYS A 24 -5.30 -0.31 -1.83
N PHE A 25 -4.03 0.09 -1.98
CA PHE A 25 -2.89 -0.56 -1.39
C PHE A 25 -2.32 0.39 -0.35
N TRP A 26 -1.93 -0.16 0.78
CA TRP A 26 -1.40 0.56 1.92
C TRP A 26 -0.20 -0.22 2.46
N HIS A 27 0.60 0.40 3.32
CA HIS A 27 1.46 -0.37 4.21
C HIS A 27 0.57 -0.95 5.31
N LYS A 28 1.12 -1.93 6.03
CA LYS A 28 0.55 -2.52 7.24
C LYS A 28 -0.11 -1.46 8.12
N ALA A 29 0.68 -0.47 8.55
CA ALA A 29 0.28 0.59 9.46
C ALA A 29 -0.26 1.85 8.77
N CYS A 30 -0.38 1.86 7.44
CA CYS A 30 -0.95 2.99 6.70
C CYS A 30 -2.45 2.81 6.44
N PHE A 31 -2.98 1.58 6.38
CA PHE A 31 -4.43 1.41 6.19
C PHE A 31 -5.20 2.04 7.34
ZN ZN B . 2.60 3.80 3.75
C ACE A 1 5.63 -1.54 -12.62
O ACE A 1 4.90 -2.45 -12.24
CH3 ACE A 1 6.80 -1.84 -13.55
H1 ACE A 1 7.74 -1.69 -13.02
H2 ACE A 1 6.74 -2.87 -13.90
H3 ACE A 1 6.76 -1.18 -14.41
N MET A 2 5.37 -0.24 -12.41
CA MET A 2 4.16 0.32 -11.83
C MET A 2 3.69 -0.46 -10.60
N ASN A 3 4.39 -0.32 -9.47
CA ASN A 3 3.95 -0.99 -8.23
C ASN A 3 2.89 -0.10 -7.57
N PRO A 4 2.05 -0.65 -6.67
CA PRO A 4 1.09 0.15 -5.92
C PRO A 4 1.83 1.20 -5.07
N ASN A 5 1.13 2.24 -4.62
CA ASN A 5 1.71 3.36 -3.86
C ASN A 5 0.75 3.70 -2.74
N CYS A 6 1.27 3.86 -1.52
CA CYS A 6 0.52 4.00 -0.29
C CYS A 6 -0.45 5.17 -0.44
N ALA A 7 -1.74 4.87 -0.43
CA ALA A 7 -2.79 5.88 -0.47
C ALA A 7 -2.82 6.75 0.80
N ARG A 8 -1.95 6.52 1.79
CA ARG A 8 -1.94 7.24 3.06
C ARG A 8 -0.62 7.96 3.35
N CYS A 9 0.55 7.44 2.96
CA CYS A 9 1.81 8.12 3.29
C CYS A 9 2.35 8.83 2.05
N GLY A 10 2.56 8.05 0.99
CA GLY A 10 3.20 8.45 -0.26
C GLY A 10 4.30 7.53 -0.76
N LYS A 11 4.70 6.46 -0.06
CA LYS A 11 5.79 5.59 -0.53
C LYS A 11 5.23 4.40 -1.30
N ILE A 12 6.02 3.89 -2.25
CA ILE A 12 5.71 2.71 -3.04
C ILE A 12 5.43 1.51 -2.13
N VAL A 13 4.48 0.65 -2.50
CA VAL A 13 4.06 -0.55 -1.77
C VAL A 13 4.67 -1.73 -2.52
N TYR A 14 5.49 -2.53 -1.84
CA TYR A 14 6.05 -3.76 -2.38
C TYR A 14 5.17 -4.94 -1.95
N PRO A 15 5.26 -6.10 -2.61
CA PRO A 15 4.46 -7.28 -2.25
C PRO A 15 4.67 -7.72 -0.80
N THR A 16 5.86 -7.48 -0.24
CA THR A 16 6.21 -7.70 1.16
C THR A 16 5.26 -7.00 2.13
N GLU A 17 4.62 -5.89 1.74
CA GLU A 17 3.89 -5.01 2.64
C GLU A 17 2.50 -4.64 2.08
N LYS A 18 2.08 -5.27 0.99
CA LYS A 18 0.75 -5.11 0.38
C LYS A 18 -0.35 -5.31 1.42
N VAL A 19 -1.01 -4.24 1.86
CA VAL A 19 -2.28 -4.23 2.51
C VAL A 19 -3.27 -3.71 1.49
N ASN A 20 -4.18 -4.55 1.04
CA ASN A 20 -5.16 -4.22 0.04
C ASN A 20 -6.38 -5.03 0.44
N CYS A 21 -7.43 -4.38 0.94
CA CYS A 21 -8.60 -5.07 1.50
C CYS A 21 -9.90 -4.62 0.84
N LEU A 22 -9.78 -3.91 -0.27
CA LEU A 22 -10.78 -3.30 -1.09
C LEU A 22 -10.06 -2.96 -2.40
N ASP A 23 -10.57 -1.99 -3.15
CA ASP A 23 -9.95 -1.40 -4.33
C ASP A 23 -8.97 -0.29 -3.88
N LYS A 24 -8.17 -0.56 -2.85
CA LYS A 24 -7.20 0.37 -2.27
C LYS A 24 -5.98 -0.42 -1.86
N PHE A 25 -4.80 0.19 -1.95
CA PHE A 25 -3.54 -0.40 -1.51
C PHE A 25 -2.84 0.55 -0.53
N TRP A 26 -2.31 -0.04 0.53
CA TRP A 26 -1.72 0.58 1.70
C TRP A 26 -0.44 -0.19 2.04
N HIS A 27 0.32 0.30 3.02
CA HIS A 27 1.29 -0.51 3.76
C HIS A 27 0.64 -1.06 5.03
N LYS A 28 1.33 -1.99 5.71
CA LYS A 28 1.02 -2.53 7.03
C LYS A 28 0.46 -1.45 7.97
N ALA A 29 1.28 -0.50 8.39
CA ALA A 29 0.86 0.50 9.37
C ALA A 29 0.13 1.69 8.74
N CYS A 30 -0.02 1.74 7.41
CA CYS A 30 -0.68 2.84 6.70
C CYS A 30 -2.16 2.57 6.38
N PHE A 31 -2.63 1.32 6.46
CA PHE A 31 -4.07 1.05 6.46
C PHE A 31 -4.70 1.46 7.80
ZN ZN B . 2.75 3.91 3.73
C ACE A 1 6.50 -1.93 -11.73
O ACE A 1 5.63 -2.60 -11.15
CH3 ACE A 1 7.92 -2.46 -11.86
H1 ACE A 1 8.61 -1.77 -11.37
H2 ACE A 1 7.98 -3.44 -11.38
H3 ACE A 1 8.18 -2.56 -12.91
N MET A 2 6.26 -0.75 -12.31
CA MET A 2 4.99 -0.02 -12.35
C MET A 2 4.20 -0.17 -11.05
N ASN A 3 4.81 0.11 -9.90
CA ASN A 3 4.31 -0.43 -8.64
C ASN A 3 3.17 0.43 -8.09
N PRO A 4 2.31 -0.14 -7.21
CA PRO A 4 1.37 0.65 -6.46
C PRO A 4 2.11 1.49 -5.41
N ASN A 5 1.44 2.49 -4.85
CA ASN A 5 1.85 3.17 -3.63
C ASN A 5 0.81 2.89 -2.56
N CYS A 6 1.19 3.20 -1.32
CA CYS A 6 0.30 3.45 -0.23
C CYS A 6 -0.51 4.68 -0.63
N ALA A 7 -1.83 4.53 -0.65
CA ALA A 7 -2.73 5.64 -0.90
C ALA A 7 -2.81 6.61 0.29
N ARG A 8 -2.15 6.33 1.41
CA ARG A 8 -2.26 7.13 2.63
C ARG A 8 -1.10 8.09 2.79
N CYS A 9 0.14 7.60 2.78
CA CYS A 9 1.27 8.33 3.34
C CYS A 9 2.00 9.15 2.27
N GLY A 10 2.22 8.56 1.10
CA GLY A 10 3.05 9.09 0.03
C GLY A 10 4.10 8.11 -0.50
N LYS A 11 4.20 6.87 -0.01
CA LYS A 11 5.33 6.00 -0.35
C LYS A 11 4.92 4.72 -1.08
N ILE A 12 5.80 4.21 -1.93
CA ILE A 12 5.61 3.03 -2.75
C ILE A 12 5.27 1.80 -1.90
N VAL A 13 4.65 0.80 -2.52
CA VAL A 13 4.35 -0.50 -1.92
C VAL A 13 5.05 -1.60 -2.73
N TYR A 14 5.21 -2.78 -2.13
CA TYR A 14 5.95 -3.95 -2.56
C TYR A 14 5.08 -5.19 -2.30
N PRO A 15 5.31 -6.30 -3.03
CA PRO A 15 4.54 -7.52 -2.84
C PRO A 15 4.74 -8.17 -1.46
N THR A 16 5.78 -7.81 -0.70
CA THR A 16 5.98 -8.32 0.65
C THR A 16 5.17 -7.55 1.71
N GLU A 17 4.72 -6.32 1.44
CA GLU A 17 4.19 -5.42 2.48
C GLU A 17 2.77 -4.94 2.21
N LYS A 18 2.31 -5.04 0.96
CA LYS A 18 0.93 -4.83 0.51
C LYS A 18 -0.13 -5.29 1.51
N VAL A 19 -0.86 -4.35 2.11
CA VAL A 19 -2.15 -4.61 2.72
C VAL A 19 -3.12 -5.05 1.61
N ASN A 20 -4.29 -5.57 1.99
CA ASN A 20 -5.44 -5.69 1.10
C ASN A 20 -6.68 -5.08 1.73
N CYS A 21 -7.38 -4.20 1.00
CA CYS A 21 -8.56 -3.47 1.43
C CYS A 21 -9.49 -3.29 0.22
N LEU A 22 -10.39 -2.30 0.31
CA LEU A 22 -11.45 -1.92 -0.61
C LEU A 22 -11.05 -2.16 -2.07
N ASP A 23 -10.15 -1.33 -2.60
CA ASP A 23 -9.79 -1.32 -4.02
C ASP A 23 -8.29 -1.15 -4.28
N LYS A 24 -7.50 -0.82 -3.25
CA LYS A 24 -6.12 -0.37 -3.43
C LYS A 24 -5.22 -0.81 -2.30
N PHE A 25 -4.05 -0.20 -2.26
CA PHE A 25 -2.90 -0.63 -1.47
C PHE A 25 -2.59 0.39 -0.38
N TRP A 26 -2.15 -0.14 0.76
CA TRP A 26 -1.64 0.58 1.91
C TRP A 26 -0.39 -0.16 2.39
N HIS A 27 0.47 0.50 3.18
CA HIS A 27 1.41 -0.21 4.05
C HIS A 27 0.66 -0.85 5.20
N LYS A 28 1.28 -1.86 5.83
CA LYS A 28 0.82 -2.46 7.08
C LYS A 28 0.41 -1.39 8.10
N ALA A 29 1.31 -0.44 8.34
CA ALA A 29 1.13 0.66 9.28
C ALA A 29 0.19 1.76 8.79
N CYS A 30 -0.19 1.76 7.51
CA CYS A 30 -1.01 2.80 6.88
C CYS A 30 -2.45 2.33 6.61
N PHE A 31 -2.85 1.16 7.14
CA PHE A 31 -4.23 0.68 7.06
C PHE A 31 -5.22 1.77 7.46
ZN ZN B . 2.27 4.09 3.81
C ACE A 1 6.70 1.70 -13.07
O ACE A 1 7.22 1.45 -11.97
CH3 ACE A 1 7.39 1.25 -14.34
H1 ACE A 1 6.69 0.70 -14.95
H2 ACE A 1 7.75 2.12 -14.89
H3 ACE A 1 8.24 0.61 -14.10
N MET A 2 5.55 2.37 -13.18
CA MET A 2 4.72 2.73 -12.04
C MET A 2 4.28 1.50 -11.24
N ASN A 3 4.72 1.43 -9.99
CA ASN A 3 4.14 0.58 -8.95
C ASN A 3 2.96 1.32 -8.32
N PRO A 4 2.08 0.63 -7.58
CA PRO A 4 1.14 1.30 -6.71
C PRO A 4 1.87 1.94 -5.53
N ASN A 5 1.30 3.02 -5.00
CA ASN A 5 1.81 3.73 -3.84
C ASN A 5 0.74 3.75 -2.75
N CYS A 6 1.20 3.96 -1.52
CA CYS A 6 0.43 3.95 -0.30
C CYS A 6 -0.60 5.05 -0.42
N ALA A 7 -1.86 4.65 -0.38
CA ALA A 7 -2.97 5.57 -0.26
C ALA A 7 -2.91 6.37 1.05
N ARG A 8 -2.06 6.01 2.02
CA ARG A 8 -1.81 6.84 3.19
C ARG A 8 -0.59 7.72 2.96
N CYS A 9 0.61 7.14 2.87
CA CYS A 9 1.84 7.88 3.10
C CYS A 9 2.42 8.45 1.81
N GLY A 10 2.08 7.84 0.67
CA GLY A 10 2.61 8.17 -0.65
C GLY A 10 3.85 7.36 -1.07
N LYS A 11 4.35 6.39 -0.31
CA LYS A 11 5.53 5.61 -0.70
C LYS A 11 5.10 4.33 -1.42
N ILE A 12 6.00 3.76 -2.21
CA ILE A 12 5.77 2.57 -3.02
C ILE A 12 5.33 1.40 -2.13
N VAL A 13 4.49 0.48 -2.62
CA VAL A 13 3.99 -0.64 -1.83
C VAL A 13 4.51 -1.95 -2.44
N TYR A 14 5.65 -2.43 -1.94
CA TYR A 14 6.27 -3.64 -2.48
C TYR A 14 5.48 -4.89 -2.05
N PRO A 15 5.57 -5.99 -2.81
CA PRO A 15 4.98 -7.27 -2.44
C PRO A 15 5.75 -7.95 -1.31
N THR A 16 5.52 -7.44 -0.11
CA THR A 16 5.74 -7.99 1.22
C THR A 16 4.90 -7.16 2.21
N GLU A 17 4.53 -5.92 1.88
CA GLU A 17 3.87 -5.00 2.79
C GLU A 17 2.51 -4.54 2.24
N LYS A 18 2.12 -4.93 1.02
CA LYS A 18 0.79 -4.65 0.47
C LYS A 18 -0.29 -5.21 1.39
N VAL A 19 -1.40 -4.50 1.48
CA VAL A 19 -2.68 -4.95 1.95
C VAL A 19 -3.70 -4.53 0.90
N ASN A 20 -4.85 -5.19 0.88
CA ASN A 20 -6.06 -4.70 0.23
C ASN A 20 -7.27 -5.17 1.02
N CYS A 21 -8.31 -4.35 1.16
CA CYS A 21 -9.63 -4.80 1.60
C CYS A 21 -10.73 -4.05 0.83
N LEU A 22 -10.38 -3.47 -0.31
CA LEU A 22 -11.25 -2.56 -1.04
C LEU A 22 -10.81 -2.62 -2.50
N ASP A 23 -9.91 -1.72 -2.91
CA ASP A 23 -9.36 -1.69 -4.25
C ASP A 23 -7.99 -1.02 -4.25
N LYS A 24 -7.41 -0.80 -3.08
CA LYS A 24 -6.36 0.18 -2.82
C LYS A 24 -5.23 -0.51 -2.07
N PHE A 25 -4.06 0.11 -2.08
CA PHE A 25 -2.86 -0.43 -1.45
C PHE A 25 -2.47 0.46 -0.29
N TRP A 26 -2.13 -0.18 0.82
CA TRP A 26 -1.63 0.45 2.02
C TRP A 26 -0.46 -0.40 2.50
N HIS A 27 0.31 0.11 3.47
CA HIS A 27 1.34 -0.63 4.19
C HIS A 27 0.83 -1.08 5.55
N LYS A 28 1.68 -1.84 6.28
CA LYS A 28 1.53 -2.20 7.70
C LYS A 28 0.88 -1.07 8.50
N ALA A 29 1.65 -0.05 8.89
CA ALA A 29 1.19 1.04 9.74
C ALA A 29 0.37 2.11 9.00
N CYS A 30 0.06 1.93 7.71
CA CYS A 30 -0.63 2.92 6.90
C CYS A 30 -2.10 2.59 6.68
N PHE A 31 -2.50 1.32 6.81
CA PHE A 31 -3.88 0.94 6.50
C PHE A 31 -4.83 1.58 7.50
ZN ZN B . 2.67 3.74 3.67
C ACE A 1 7.62 -0.90 -12.08
O ACE A 1 8.31 -0.81 -11.06
CH3 ACE A 1 7.67 -2.15 -12.91
H1 ACE A 1 7.19 -2.00 -13.88
H2 ACE A 1 8.72 -2.44 -13.06
H3 ACE A 1 7.16 -2.96 -12.38
N MET A 2 6.76 0.05 -12.44
CA MET A 2 6.26 1.03 -11.49
C MET A 2 5.36 0.28 -10.52
N ASN A 3 5.72 0.30 -9.24
CA ASN A 3 5.03 -0.40 -8.19
C ASN A 3 3.86 0.45 -7.69
N PRO A 4 2.87 -0.14 -7.01
CA PRO A 4 1.77 0.61 -6.42
C PRO A 4 2.27 1.56 -5.34
N ASN A 5 1.42 2.52 -4.94
CA ASN A 5 1.74 3.50 -3.90
C ASN A 5 0.65 3.46 -2.83
N CYS A 6 1.04 3.75 -1.59
CA CYS A 6 0.26 3.71 -0.38
C CYS A 6 -0.81 4.79 -0.44
N ALA A 7 -2.07 4.40 -0.24
CA ALA A 7 -3.18 5.32 -0.10
C ALA A 7 -3.13 6.14 1.21
N ARG A 8 -2.17 5.91 2.12
CA ARG A 8 -1.98 6.72 3.33
C ARG A 8 -0.79 7.63 3.14
N CYS A 9 0.42 7.06 3.00
CA CYS A 9 1.64 7.84 3.08
C CYS A 9 2.01 8.44 1.72
N GLY A 10 1.47 7.88 0.64
CA GLY A 10 1.76 8.27 -0.72
C GLY A 10 3.04 7.67 -1.27
N LYS A 11 3.79 6.84 -0.52
CA LYS A 11 5.05 6.26 -1.02
C LYS A 11 4.83 4.90 -1.64
N ILE A 12 5.82 4.42 -2.38
CA ILE A 12 5.79 3.13 -3.06
C ILE A 12 5.49 1.99 -2.07
N VAL A 13 4.94 0.87 -2.56
CA VAL A 13 4.59 -0.32 -1.80
C VAL A 13 5.29 -1.51 -2.49
N TYR A 14 5.62 -2.55 -1.72
CA TYR A 14 6.24 -3.77 -2.22
C TYR A 14 5.38 -4.96 -1.78
N PRO A 15 5.43 -6.13 -2.46
CA PRO A 15 4.46 -7.20 -2.28
C PRO A 15 4.35 -7.71 -0.85
N THR A 16 5.47 -7.80 -0.14
CA THR A 16 5.53 -8.34 1.22
C THR A 16 4.72 -7.53 2.23
N GLU A 17 4.32 -6.30 1.88
CA GLU A 17 3.52 -5.42 2.73
C GLU A 17 2.38 -4.76 1.94
N LYS A 18 2.11 -5.18 0.70
CA LYS A 18 0.92 -4.73 -0.02
C LYS A 18 -0.27 -5.42 0.64
N VAL A 19 -0.87 -4.76 1.64
CA VAL A 19 -2.08 -5.23 2.27
C VAL A 19 -3.21 -5.25 1.23
N ASN A 20 -4.35 -5.84 1.60
CA ASN A 20 -5.60 -5.67 0.86
C ASN A 20 -6.52 -4.71 1.61
N CYS A 21 -7.42 -4.03 0.89
CA CYS A 21 -8.45 -3.15 1.40
C CYS A 21 -9.65 -3.23 0.42
N LEU A 22 -10.25 -2.07 0.17
CA LEU A 22 -11.37 -1.81 -0.71
C LEU A 22 -10.97 -2.05 -2.17
N ASP A 23 -10.10 -1.19 -2.69
CA ASP A 23 -9.71 -1.10 -4.09
C ASP A 23 -8.33 -0.45 -4.25
N LYS A 24 -7.45 -0.56 -3.25
CA LYS A 24 -6.15 0.13 -3.24
C LYS A 24 -5.07 -0.69 -2.57
N PHE A 25 -3.97 -0.02 -2.29
CA PHE A 25 -2.77 -0.53 -1.65
C PHE A 25 -2.47 0.35 -0.45
N TRP A 26 -1.98 -0.24 0.62
CA TRP A 26 -1.44 0.46 1.77
C TRP A 26 -0.14 -0.27 2.17
N HIS A 27 0.46 0.16 3.27
CA HIS A 27 1.40 -0.62 4.06
C HIS A 27 0.74 -1.04 5.37
N LYS A 28 1.45 -1.83 6.18
CA LYS A 28 1.05 -2.32 7.50
C LYS A 28 0.58 -1.18 8.42
N ALA A 29 1.47 -0.24 8.71
CA ALA A 29 1.17 0.92 9.56
C ALA A 29 0.26 1.96 8.88
N CYS A 30 0.07 1.85 7.56
CA CYS A 30 -0.70 2.79 6.75
C CYS A 30 -2.16 2.37 6.58
N PHE A 31 -2.47 1.08 6.62
CA PHE A 31 -3.85 0.61 6.64
C PHE A 31 -4.50 1.13 7.92
ZN ZN B . 2.56 3.71 3.53
C ACE A 1 7.95 -2.30 -10.46
O ACE A 1 7.40 -3.25 -9.90
CH3 ACE A 1 9.47 -2.20 -10.43
H1 ACE A 1 9.82 -2.07 -9.41
H2 ACE A 1 9.89 -3.11 -10.84
H3 ACE A 1 9.80 -1.34 -11.02
N MET A 2 7.30 -1.38 -11.19
CA MET A 2 5.87 -1.34 -11.48
C MET A 2 4.98 -1.78 -10.31
N ASN A 3 4.84 -0.94 -9.27
CA ASN A 3 3.93 -1.17 -8.15
C ASN A 3 3.04 0.04 -7.89
N PRO A 4 1.88 -0.15 -7.22
CA PRO A 4 0.98 0.93 -6.80
C PRO A 4 1.53 1.69 -5.59
N ASN A 5 0.90 2.81 -5.22
CA ASN A 5 1.33 3.66 -4.11
C ASN A 5 0.26 3.73 -3.02
N CYS A 6 0.75 3.88 -1.79
CA CYS A 6 0.00 3.90 -0.55
C CYS A 6 -1.04 5.02 -0.59
N ALA A 7 -2.24 4.68 -0.13
CA ALA A 7 -3.34 5.61 0.06
C ALA A 7 -3.11 6.58 1.23
N ARG A 8 -2.04 6.42 2.02
CA ARG A 8 -1.87 7.15 3.28
C ARG A 8 -0.54 7.90 3.34
N CYS A 9 0.59 7.26 3.02
CA CYS A 9 1.89 7.93 3.09
C CYS A 9 2.29 8.54 1.74
N GLY A 10 1.98 7.84 0.64
CA GLY A 10 2.43 8.14 -0.71
C GLY A 10 3.82 7.56 -1.01
N LYS A 11 4.27 6.50 -0.33
CA LYS A 11 5.38 5.67 -0.77
C LYS A 11 4.83 4.49 -1.57
N ILE A 12 5.63 3.96 -2.49
CA ILE A 12 5.30 2.75 -3.23
C ILE A 12 5.03 1.57 -2.30
N VAL A 13 4.24 0.59 -2.75
CA VAL A 13 3.86 -0.59 -1.97
C VAL A 13 4.65 -1.78 -2.47
N TYR A 14 5.59 -2.26 -1.64
CA TYR A 14 6.40 -3.44 -1.91
C TYR A 14 5.57 -4.71 -1.70
N PRO A 15 6.01 -5.88 -2.20
CA PRO A 15 5.17 -7.08 -2.27
C PRO A 15 4.77 -7.58 -0.89
N THR A 16 5.71 -7.82 0.01
CA THR A 16 5.45 -8.52 1.27
C THR A 16 4.55 -7.72 2.22
N GLU A 17 4.30 -6.44 1.92
CA GLU A 17 3.56 -5.51 2.76
C GLU A 17 2.24 -5.03 2.12
N LYS A 18 1.89 -5.43 0.88
CA LYS A 18 0.64 -5.02 0.24
C LYS A 18 -0.58 -5.44 1.06
N VAL A 19 -1.11 -4.57 1.91
CA VAL A 19 -2.40 -4.75 2.54
C VAL A 19 -3.41 -4.53 1.42
N ASN A 20 -4.07 -5.60 0.94
CA ASN A 20 -4.81 -5.53 -0.30
C ASN A 20 -6.27 -5.20 0.00
N CYS A 21 -6.51 -3.91 0.22
CA CYS A 21 -7.80 -3.39 0.67
C CYS A 21 -8.81 -3.45 -0.48
N LEU A 22 -10.04 -3.05 -0.18
CA LEU A 22 -11.17 -2.93 -1.09
C LEU A 22 -11.04 -1.76 -2.08
N ASP A 23 -9.94 -1.01 -2.01
CA ASP A 23 -9.71 0.22 -2.78
C ASP A 23 -8.31 0.22 -3.41
N LYS A 24 -7.27 0.07 -2.61
CA LYS A 24 -5.87 0.17 -2.99
C LYS A 24 -5.05 -0.80 -2.17
N PHE A 25 -3.74 -0.61 -2.20
CA PHE A 25 -2.72 -1.39 -1.57
C PHE A 25 -2.13 -0.41 -0.56
N TRP A 26 -1.98 -0.83 0.69
CA TRP A 26 -1.48 -0.01 1.78
C TRP A 26 -0.25 -0.70 2.40
N HIS A 27 0.29 -0.12 3.47
CA HIS A 27 1.38 -0.69 4.28
C HIS A 27 0.87 -1.03 5.68
N LYS A 28 1.68 -1.72 6.50
CA LYS A 28 1.29 -2.18 7.84
C LYS A 28 0.54 -1.10 8.62
N ALA A 29 1.22 0.01 8.94
CA ALA A 29 0.67 1.11 9.73
C ALA A 29 -0.02 2.18 8.88
N CYS A 30 -0.13 2.00 7.56
CA CYS A 30 -0.82 2.95 6.69
C CYS A 30 -2.28 2.51 6.51
N PHE A 31 -2.53 1.20 6.41
CA PHE A 31 -3.87 0.65 6.35
C PHE A 31 -4.70 1.15 7.53
ZN ZN B . 2.38 3.71 3.39
C ACE A 1 10.15 -0.36 -10.27
O ACE A 1 10.33 0.77 -9.83
CH3 ACE A 1 11.33 -1.27 -10.58
H1 ACE A 1 11.49 -1.33 -11.65
H2 ACE A 1 12.22 -0.88 -10.09
H3 ACE A 1 11.13 -2.27 -10.18
N MET A 2 8.93 -0.81 -10.58
CA MET A 2 7.69 -0.13 -10.27
C MET A 2 6.92 -0.99 -9.27
N ASN A 3 6.19 -0.32 -8.38
CA ASN A 3 5.19 -0.88 -7.48
C ASN A 3 4.16 0.23 -7.22
N PRO A 4 2.96 -0.07 -6.70
CA PRO A 4 1.93 0.93 -6.49
C PRO A 4 2.30 1.90 -5.36
N ASN A 5 1.54 2.98 -5.22
CA ASN A 5 1.83 4.13 -4.39
C ASN A 5 0.80 4.15 -3.28
N CYS A 6 1.24 4.11 -2.01
CA CYS A 6 0.37 4.15 -0.85
C CYS A 6 -0.32 5.51 -0.81
N ALA A 7 -1.62 5.55 -1.03
CA ALA A 7 -2.45 6.75 -0.96
C ALA A 7 -2.65 7.26 0.49
N ARG A 8 -1.77 6.92 1.43
CA ARG A 8 -1.86 7.25 2.85
C ARG A 8 -0.53 7.85 3.30
N CYS A 9 0.59 7.13 3.16
CA CYS A 9 1.88 7.63 3.59
C CYS A 9 2.55 8.47 2.51
N GLY A 10 2.27 8.18 1.23
CA GLY A 10 2.93 8.78 0.08
C GLY A 10 3.98 7.87 -0.57
N LYS A 11 4.24 6.66 -0.06
CA LYS A 11 5.42 5.88 -0.43
C LYS A 11 5.07 4.58 -1.15
N ILE A 12 5.97 4.10 -2.00
CA ILE A 12 5.82 2.91 -2.81
C ILE A 12 5.52 1.69 -1.91
N VAL A 13 4.65 0.78 -2.34
CA VAL A 13 4.20 -0.36 -1.55
C VAL A 13 4.93 -1.59 -2.06
N TYR A 14 5.94 -2.01 -1.32
CA TYR A 14 6.73 -3.20 -1.62
C TYR A 14 5.78 -4.40 -1.51
N PRO A 15 5.87 -5.37 -2.43
CA PRO A 15 4.76 -6.28 -2.65
C PRO A 15 4.53 -7.25 -1.49
N THR A 16 5.54 -7.52 -0.67
CA THR A 16 5.44 -8.24 0.61
C THR A 16 4.50 -7.56 1.60
N GLU A 17 4.29 -6.25 1.48
CA GLU A 17 3.61 -5.45 2.50
C GLU A 17 2.24 -4.96 2.02
N LYS A 18 1.77 -5.40 0.85
CA LYS A 18 0.48 -5.01 0.27
C LYS A 18 -0.64 -5.53 1.17
N VAL A 19 -1.10 -4.74 2.12
CA VAL A 19 -2.28 -5.09 2.90
C VAL A 19 -3.47 -5.15 1.94
N ASN A 20 -4.52 -5.87 2.34
CA ASN A 20 -5.75 -5.89 1.56
C ASN A 20 -6.70 -4.83 2.12
N CYS A 21 -7.49 -4.21 1.25
CA CYS A 21 -8.44 -3.16 1.59
C CYS A 21 -9.69 -3.32 0.71
N LEU A 22 -10.52 -2.28 0.62
CA LEU A 22 -11.73 -2.25 -0.21
C LEU A 22 -11.35 -2.63 -1.63
N ASP A 23 -10.59 -1.76 -2.31
CA ASP A 23 -9.97 -2.05 -3.59
C ASP A 23 -8.76 -1.13 -3.77
N LYS A 24 -7.84 -1.18 -2.81
CA LYS A 24 -6.63 -0.35 -2.72
C LYS A 24 -5.50 -1.21 -2.15
N PHE A 25 -4.24 -0.80 -2.30
CA PHE A 25 -3.07 -1.47 -1.72
C PHE A 25 -2.33 -0.47 -0.84
N TRP A 26 -1.90 -0.89 0.37
CA TRP A 26 -1.24 0.00 1.33
C TRP A 26 -0.04 -0.77 1.92
N HIS A 27 0.79 -0.11 2.76
CA HIS A 27 1.68 -0.83 3.68
C HIS A 27 0.92 -1.26 4.94
N LYS A 28 1.56 -2.08 5.79
CA LYS A 28 1.12 -2.49 7.12
C LYS A 28 0.35 -1.41 7.87
N ALA A 29 1.06 -0.35 8.28
CA ALA A 29 0.54 0.71 9.12
C ALA A 29 -0.35 1.70 8.38
N CYS A 30 -0.41 1.62 7.05
CA CYS A 30 -1.08 2.58 6.20
C CYS A 30 -2.51 2.16 5.87
N PHE A 31 -2.94 0.98 6.31
CA PHE A 31 -4.33 0.54 6.26
C PHE A 31 -5.23 1.60 6.91
ZN ZN B . 2.22 3.40 3.19
C ACE A 1 5.82 -2.32 -12.12
O ACE A 1 6.61 -2.37 -11.18
CH3 ACE A 1 5.74 -3.47 -13.11
H1 ACE A 1 6.28 -3.21 -14.03
H2 ACE A 1 6.19 -4.36 -12.67
H3 ACE A 1 4.70 -3.68 -13.34
N MET A 2 5.08 -1.24 -12.39
CA MET A 2 4.96 -0.12 -11.47
C MET A 2 4.34 -0.65 -10.19
N ASN A 3 5.03 -0.53 -9.06
CA ASN A 3 4.50 -0.99 -7.79
C ASN A 3 3.62 0.14 -7.27
N PRO A 4 2.31 -0.10 -7.02
CA PRO A 4 1.41 0.95 -6.58
C PRO A 4 1.86 1.52 -5.24
N ASN A 5 1.40 2.73 -4.94
CA ASN A 5 1.86 3.52 -3.81
C ASN A 5 0.73 3.64 -2.80
N CYS A 6 1.09 3.61 -1.53
CA CYS A 6 0.26 3.70 -0.34
C CYS A 6 -0.61 4.94 -0.49
N ALA A 7 -1.93 4.74 -0.55
CA ALA A 7 -2.88 5.84 -0.62
C ALA A 7 -2.93 6.65 0.68
N ARG A 8 -2.19 6.26 1.73
CA ARG A 8 -2.11 7.01 2.98
C ARG A 8 -0.90 7.91 2.90
N CYS A 9 0.31 7.33 2.91
CA CYS A 9 1.52 8.10 3.09
C CYS A 9 2.03 8.66 1.76
N GLY A 10 1.71 8.02 0.63
CA GLY A 10 2.18 8.34 -0.71
C GLY A 10 3.42 7.55 -1.14
N LYS A 11 3.97 6.65 -0.32
CA LYS A 11 5.20 5.91 -0.64
C LYS A 11 4.88 4.55 -1.26
N ILE A 12 5.82 3.98 -2.00
CA ILE A 12 5.65 2.70 -2.72
C ILE A 12 5.23 1.58 -1.76
N VAL A 13 4.49 0.59 -2.25
CA VAL A 13 4.12 -0.63 -1.53
C VAL A 13 4.82 -1.78 -2.27
N TYR A 14 5.81 -2.42 -1.65
CA TYR A 14 6.47 -3.57 -2.25
C TYR A 14 5.51 -4.76 -2.26
N PRO A 15 5.69 -5.77 -3.14
CA PRO A 15 4.78 -6.91 -3.19
C PRO A 15 4.82 -7.74 -1.90
N THR A 16 5.89 -7.62 -1.13
CA THR A 16 6.07 -8.21 0.19
C THR A 16 5.10 -7.63 1.22
N GLU A 17 4.55 -6.42 1.01
CA GLU A 17 3.96 -5.60 2.06
C GLU A 17 2.50 -5.22 1.77
N LYS A 18 1.92 -5.77 0.69
CA LYS A 18 0.58 -5.48 0.20
C LYS A 18 -0.50 -5.74 1.25
N VAL A 19 -0.95 -4.70 1.94
CA VAL A 19 -2.23 -4.70 2.62
C VAL A 19 -3.32 -4.91 1.57
N ASN A 20 -4.36 -5.67 1.91
CA ASN A 20 -5.59 -5.75 1.11
C ASN A 20 -6.55 -4.81 1.85
N CYS A 21 -7.34 -4.01 1.14
CA CYS A 21 -8.24 -3.03 1.73
C CYS A 21 -9.47 -2.93 0.83
N LEU A 22 -10.02 -1.73 0.67
CA LEU A 22 -11.08 -1.39 -0.28
C LEU A 22 -10.65 -1.86 -1.67
N ASP A 23 -9.70 -1.13 -2.26
CA ASP A 23 -9.34 -1.21 -3.67
C ASP A 23 -7.89 -0.74 -3.90
N LYS A 24 -7.14 -0.40 -2.86
CA LYS A 24 -5.73 0.05 -2.97
C LYS A 24 -4.85 -0.89 -2.17
N PHE A 25 -3.54 -0.70 -2.26
CA PHE A 25 -2.55 -1.42 -1.48
C PHE A 25 -1.89 -0.39 -0.57
N TRP A 26 -1.61 -0.77 0.67
CA TRP A 26 -1.17 0.13 1.72
C TRP A 26 -0.01 -0.54 2.47
N HIS A 27 0.62 0.19 3.38
CA HIS A 27 1.47 -0.44 4.41
C HIS A 27 0.60 -0.86 5.59
N LYS A 28 1.13 -1.74 6.44
CA LYS A 28 0.44 -2.24 7.62
C LYS A 28 -0.13 -1.09 8.45
N ALA A 29 0.71 -0.18 8.95
CA ALA A 29 0.23 0.92 9.78
C ALA A 29 -0.48 2.03 8.98
N CYS A 30 -0.44 1.98 7.65
CA CYS A 30 -1.11 2.92 6.75
C CYS A 30 -2.50 2.43 6.33
N PHE A 31 -2.98 1.29 6.83
CA PHE A 31 -4.23 0.62 6.42
C PHE A 31 -5.34 1.60 6.01
ZN ZN B . 2.37 3.94 3.75
C ACE A 1 4.36 2.16 -13.97
O ACE A 1 3.66 1.25 -13.47
CH3 ACE A 1 4.62 2.16 -15.46
H1 ACE A 1 5.70 2.26 -15.63
H2 ACE A 1 4.27 1.23 -15.90
H3 ACE A 1 4.09 3.00 -15.92
N MET A 2 4.75 3.24 -13.29
CA MET A 2 4.64 3.49 -11.86
C MET A 2 5.03 2.27 -11.01
N ASN A 3 4.68 2.27 -9.73
CA ASN A 3 4.56 1.11 -8.87
C ASN A 3 3.34 1.34 -7.97
N PRO A 4 2.86 0.36 -7.17
CA PRO A 4 1.78 0.59 -6.23
C PRO A 4 2.22 1.60 -5.18
N ASN A 5 1.62 2.78 -5.15
CA ASN A 5 1.85 3.79 -4.12
C ASN A 5 0.83 3.56 -3.00
N CYS A 6 1.28 3.70 -1.77
CA CYS A 6 0.43 3.83 -0.59
C CYS A 6 -0.36 5.13 -0.73
N ALA A 7 -1.68 5.03 -0.67
CA ALA A 7 -2.55 6.20 -0.63
C ALA A 7 -2.51 6.90 0.73
N ARG A 8 -1.96 6.28 1.79
CA ARG A 8 -2.03 6.86 3.14
C ARG A 8 -0.79 7.68 3.44
N CYS A 9 0.40 7.21 3.07
CA CYS A 9 1.63 7.93 3.33
C CYS A 9 2.11 8.65 2.07
N GLY A 10 1.99 7.98 0.92
CA GLY A 10 2.40 8.43 -0.40
C GLY A 10 3.60 7.68 -0.96
N LYS A 11 4.20 6.73 -0.23
CA LYS A 11 5.43 6.05 -0.66
C LYS A 11 5.10 4.76 -1.40
N ILE A 12 6.05 4.26 -2.19
CA ILE A 12 5.94 2.97 -2.87
C ILE A 12 5.68 1.82 -1.90
N VAL A 13 4.98 0.78 -2.34
CA VAL A 13 4.79 -0.49 -1.66
C VAL A 13 5.55 -1.57 -2.45
N TYR A 14 5.97 -2.67 -1.81
CA TYR A 14 6.55 -3.83 -2.49
C TYR A 14 5.74 -5.08 -2.13
N PRO A 15 5.73 -6.13 -2.97
CA PRO A 15 5.05 -7.40 -2.69
C PRO A 15 5.73 -8.11 -1.52
N THR A 16 5.18 -7.87 -0.33
CA THR A 16 5.57 -8.22 1.04
C THR A 16 4.55 -7.51 1.95
N GLU A 17 4.13 -6.30 1.58
CA GLU A 17 3.31 -5.45 2.43
C GLU A 17 2.21 -4.72 1.65
N LYS A 18 1.78 -5.25 0.50
CA LYS A 18 0.63 -4.75 -0.27
C LYS A 18 -0.66 -5.04 0.50
N VAL A 19 -0.91 -4.28 1.57
CA VAL A 19 -2.04 -4.47 2.46
C VAL A 19 -3.33 -4.47 1.65
N ASN A 20 -4.23 -5.38 2.01
CA ASN A 20 -5.46 -5.70 1.32
C ASN A 20 -6.59 -4.87 1.94
N CYS A 21 -7.26 -4.08 1.11
CA CYS A 21 -8.50 -3.39 1.42
C CYS A 21 -9.38 -3.40 0.16
N LEU A 22 -10.54 -2.75 0.25
CA LEU A 22 -11.64 -2.73 -0.70
C LEU A 22 -11.17 -2.82 -2.15
N ASP A 23 -10.57 -1.76 -2.69
CA ASP A 23 -9.95 -1.76 -4.03
C ASP A 23 -8.68 -0.92 -4.07
N LYS A 24 -8.08 -0.63 -2.91
CA LYS A 24 -6.81 0.07 -2.79
C LYS A 24 -5.91 -0.69 -1.83
N PHE A 25 -4.62 -0.36 -1.93
CA PHE A 25 -3.52 -1.06 -1.29
C PHE A 25 -2.68 -0.09 -0.46
N TRP A 26 -2.13 -0.59 0.64
CA TRP A 26 -1.51 0.22 1.69
C TRP A 26 -0.19 -0.43 2.14
N HIS A 27 0.31 -0.04 3.31
CA HIS A 27 1.41 -0.68 4.07
C HIS A 27 0.90 -1.05 5.46
N LYS A 28 1.70 -1.76 6.27
CA LYS A 28 1.29 -2.29 7.57
C LYS A 28 0.61 -1.25 8.48
N ALA A 29 1.23 -0.08 8.71
CA ALA A 29 0.66 0.97 9.57
C ALA A 29 -0.20 1.96 8.79
N CYS A 30 -0.27 1.82 7.46
CA CYS A 30 -0.94 2.73 6.55
C CYS A 30 -2.39 2.30 6.25
N PHE A 31 -2.87 1.21 6.85
CA PHE A 31 -4.30 0.89 6.82
C PHE A 31 -5.11 1.97 7.55
ZN ZN B . 2.49 3.73 3.48
#